data_4ZA2
#
_entry.id   4ZA2
#
_cell.length_a   68.663
_cell.length_b   72.654
_cell.length_c   98.991
_cell.angle_alpha   90.00
_cell.angle_beta   90.81
_cell.angle_gamma   90.00
#
_symmetry.space_group_name_H-M   'P 1 21 1'
#
loop_
_entity.id
_entity.type
_entity.pdbx_description
1 polymer '2-deoxy-D-gluconate 3-dehydrogenase'
2 non-polymer NICOTINAMIDE-ADENINE-DINUCLEOTIDE
3 water water
#
_entity_poly.entity_id   1
_entity_poly.type   'polypeptide(L)'
_entity_poly.pdbx_seq_one_letter_code
;MILNSFDLQGKVALITGCDTGLGQGMAIGLAQAGCDIVGVNIVEPKDTIEKVTALGRRFLSLTADMSNVSGHAELVEKAV
AEFGHVDILVNNAGIIRREDAIEFSEKNWDDVMNLNIKSVFFMSQTVARQFIKQGKGGKIINIASMLSFQGGIRVPSYTA
SKSAVMGVTRLMANEWAKHGINVNAIAPGYMATNNTQQLRADEERSKEILDRIPAGRWGLPQDLMGPSVFLASSASDYIN
GYTIAVDGGWLAR
;
_entity_poly.pdbx_strand_id   A,B,C,D
#
# COMPACT_ATOMS: atom_id res chain seq x y z
N MET A 1 12.02 -9.05 31.49
CA MET A 1 11.41 -7.71 31.77
C MET A 1 11.59 -6.79 30.56
N ILE A 2 10.46 -6.44 29.94
CA ILE A 2 10.45 -5.81 28.62
C ILE A 2 11.19 -4.49 28.50
N LEU A 3 11.24 -3.70 29.56
CA LEU A 3 11.93 -2.42 29.44
C LEU A 3 13.42 -2.64 29.17
N ASN A 4 13.97 -3.77 29.61
CA ASN A 4 15.38 -4.10 29.30
C ASN A 4 15.60 -4.28 27.80
N SER A 5 14.56 -4.67 27.07
CA SER A 5 14.66 -4.90 25.63
C SER A 5 14.90 -3.62 24.85
N PHE A 6 14.59 -2.47 25.43
CA PHE A 6 14.81 -1.19 24.75
C PHE A 6 16.19 -0.60 25.05
N ASP A 7 16.86 -1.14 26.07
CA ASP A 7 18.14 -0.63 26.56
C ASP A 7 19.26 -1.00 25.60
N LEU A 8 19.97 0.00 25.08
CA LEU A 8 21.05 -0.20 24.12
C LEU A 8 22.43 -0.02 24.76
N GLN A 9 22.52 -0.23 26.08
CA GLN A 9 23.80 -0.22 26.76
C GLN A 9 24.75 -1.18 26.04
N GLY A 10 25.96 -0.71 25.80
CA GLY A 10 26.99 -1.53 25.16
C GLY A 10 26.92 -1.61 23.65
N LYS A 11 25.93 -0.95 23.03
CA LYS A 11 25.77 -1.03 21.60
C LYS A 11 26.49 0.10 20.93
N VAL A 12 26.78 -0.08 19.65
CA VAL A 12 27.48 0.91 18.85
C VAL A 12 26.63 1.18 17.61
N ALA A 13 26.27 2.45 17.40
CA ALA A 13 25.45 2.87 16.28
C ALA A 13 26.21 3.83 15.38
N LEU A 14 26.14 3.55 14.09
CA LEU A 14 26.73 4.39 13.04
C LEU A 14 25.58 5.10 12.35
N ILE A 15 25.58 6.42 12.45
CA ILE A 15 24.56 7.25 11.87
C ILE A 15 25.19 8.21 10.85
N THR A 16 24.69 8.15 9.62
CA THR A 16 25.17 9.04 8.56
C THR A 16 24.29 10.30 8.55
N GLY A 17 24.89 11.48 8.49
CA GLY A 17 24.15 12.72 8.48
C GLY A 17 23.52 12.99 9.82
N CYS A 18 24.32 13.25 10.83
CA CYS A 18 23.81 13.52 12.17
C CYS A 18 24.36 14.81 12.78
N ASP A 19 24.67 15.78 11.92
CA ASP A 19 25.08 17.09 12.40
C ASP A 19 23.88 17.94 12.81
N THR A 20 22.72 17.73 12.18
CA THR A 20 21.56 18.58 12.41
C THR A 20 20.27 17.78 12.24
N GLY A 21 19.15 18.43 12.56
CA GLY A 21 17.84 17.94 12.28
C GLY A 21 17.54 16.50 12.66
N LEU A 22 16.99 15.73 11.73
CA LEU A 22 16.51 14.37 12.00
C LEU A 22 17.64 13.44 12.43
N GLY A 23 18.76 13.49 11.72
CA GLY A 23 19.88 12.64 12.05
C GLY A 23 20.46 12.92 13.41
N GLN A 24 20.54 14.22 13.76
CA GLN A 24 21.04 14.61 15.07
C GLN A 24 20.10 14.05 16.14
N GLY A 25 18.80 14.18 15.92
CA GLY A 25 17.80 13.65 16.84
C GLY A 25 17.97 12.16 17.08
N MET A 26 18.11 11.40 16.00
CA MET A 26 18.27 9.97 16.12
C MET A 26 19.58 9.62 16.83
N ALA A 27 20.66 10.32 16.51
CA ALA A 27 21.95 10.06 17.18
C ALA A 27 21.83 10.29 18.69
N ILE A 28 21.24 11.41 19.07
CA ILE A 28 21.11 11.74 20.50
C ILE A 28 20.20 10.71 21.20
N GLY A 29 19.09 10.36 20.55
CA GLY A 29 18.18 9.33 21.10
C GLY A 29 18.88 8.01 21.31
N LEU A 30 19.62 7.55 20.31
CA LEU A 30 20.36 6.30 20.45
C LEU A 30 21.38 6.41 21.59
N ALA A 31 22.03 7.56 21.72
CA ALA A 31 23.02 7.77 22.79
C ALA A 31 22.34 7.79 24.16
N GLN A 32 21.20 8.44 24.25
CA GLN A 32 20.42 8.44 25.50
C GLN A 32 20.03 7.02 25.92
N ALA A 33 19.81 6.13 24.95
CA ALA A 33 19.46 4.74 25.24
C ALA A 33 20.66 3.84 25.52
N GLY A 34 21.87 4.39 25.40
CA GLY A 34 23.08 3.70 25.82
C GLY A 34 24.13 3.49 24.75
N CYS A 35 23.85 3.90 23.51
CA CYS A 35 24.77 3.65 22.40
C CYS A 35 25.96 4.59 22.40
N ASP A 36 27.11 4.04 22.09
CA ASP A 36 28.20 4.86 21.60
C ASP A 36 27.91 5.14 20.13
N ILE A 37 28.30 6.31 19.65
CA ILE A 37 27.92 6.80 18.34
C ILE A 37 29.12 6.96 17.41
N VAL A 38 28.96 6.49 16.18
CA VAL A 38 29.87 6.81 15.09
C VAL A 38 29.13 7.70 14.09
N GLY A 39 29.57 8.93 13.91
CA GLY A 39 28.96 9.85 12.97
C GLY A 39 29.72 9.86 11.67
N VAL A 40 29.00 9.93 10.55
CA VAL A 40 29.62 10.22 9.25
C VAL A 40 28.95 11.45 8.66
N ASN A 41 29.76 12.51 8.50
CA ASN A 41 29.26 13.83 8.15
C ASN A 41 30.22 14.53 7.19
N ILE A 42 29.74 15.61 6.63
CA ILE A 42 30.53 16.46 5.75
C ILE A 42 31.34 17.47 6.55
N VAL A 43 30.86 17.84 7.73
CA VAL A 43 31.61 18.69 8.65
C VAL A 43 31.52 18.11 10.07
N GLU A 44 32.43 18.56 10.94
CA GLU A 44 32.44 18.13 12.33
C GLU A 44 31.11 18.50 12.98
N PRO A 45 30.37 17.49 13.51
CA PRO A 45 29.08 17.79 14.07
C PRO A 45 29.23 18.23 15.53
N LYS A 46 29.65 19.48 15.72
CA LYS A 46 30.07 19.97 17.05
C LYS A 46 28.98 19.82 18.11
N ASP A 47 27.80 20.33 17.78
CA ASP A 47 26.64 20.26 18.68
C ASP A 47 26.30 18.81 19.06
N THR A 48 26.29 17.90 18.09
CA THR A 48 25.92 16.51 18.36
C THR A 48 26.96 15.83 19.25
N ILE A 49 28.23 16.08 18.97
CA ILE A 49 29.33 15.56 19.80
C ILE A 49 29.17 16.07 21.23
N GLU A 50 28.91 17.37 21.38
CA GLU A 50 28.69 17.96 22.70
C GLU A 50 27.60 17.23 23.48
N LYS A 51 26.45 17.07 22.83
CA LYS A 51 25.29 16.44 23.45
C LYS A 51 25.53 14.96 23.78
N VAL A 52 26.12 14.22 22.83
CA VAL A 52 26.40 12.81 23.05
C VAL A 52 27.39 12.59 24.18
N THR A 53 28.47 13.39 24.21
CA THR A 53 29.50 13.21 25.23
C THR A 53 28.99 13.63 26.62
N ALA A 54 28.11 14.62 26.66
CA ALA A 54 27.45 15.05 27.92
C ALA A 54 26.65 13.93 28.58
N LEU A 55 26.18 12.98 27.76
CA LEU A 55 25.49 11.80 28.28
C LEU A 55 26.42 10.74 28.83
N GLY A 56 27.74 10.94 28.67
CA GLY A 56 28.72 9.93 29.09
C GLY A 56 29.03 8.89 28.04
N ARG A 57 28.56 9.11 26.82
CA ARG A 57 28.84 8.20 25.72
C ARG A 57 29.98 8.73 24.85
N ARG A 58 30.55 7.83 24.06
CA ARG A 58 31.61 8.17 23.14
C ARG A 58 31.06 8.51 21.76
N PHE A 59 31.72 9.44 21.08
CA PHE A 59 31.39 9.83 19.71
C PHE A 59 32.64 9.74 18.84
N LEU A 60 32.63 8.85 17.85
CA LEU A 60 33.68 8.84 16.82
C LEU A 60 33.20 9.64 15.64
N SER A 61 33.84 10.77 15.38
CA SER A 61 33.44 11.62 14.28
C SER A 61 34.24 11.36 13.02
N LEU A 62 33.57 10.84 12.00
CA LEU A 62 34.18 10.63 10.69
C LEU A 62 33.63 11.63 9.70
N THR A 63 34.52 12.16 8.88
CA THR A 63 34.18 13.12 7.85
C THR A 63 34.40 12.45 6.49
N ALA A 64 33.32 12.32 5.73
CA ALA A 64 33.38 11.66 4.43
C ALA A 64 32.16 11.99 3.59
N ASP A 65 32.30 11.80 2.28
CA ASP A 65 31.20 11.90 1.33
C ASP A 65 30.59 10.52 1.16
N MET A 66 29.39 10.34 1.71
CA MET A 66 28.72 9.04 1.66
C MET A 66 28.42 8.52 0.26
N SER A 67 28.34 9.40 -0.73
CA SER A 67 28.11 8.97 -2.10
C SER A 67 29.28 8.16 -2.65
N ASN A 68 30.47 8.27 -2.06
CA ASN A 68 31.61 7.51 -2.53
C ASN A 68 31.59 6.10 -1.95
N VAL A 69 31.02 5.15 -2.70
CA VAL A 69 30.84 3.80 -2.19
C VAL A 69 32.18 3.08 -1.96
N SER A 70 33.22 3.46 -2.70
CA SER A 70 34.54 2.89 -2.45
C SER A 70 35.12 3.18 -1.07
N GLY A 71 34.64 4.22 -0.39
CA GLY A 71 35.13 4.60 0.95
C GLY A 71 34.37 4.02 2.13
N HIS A 72 33.30 3.29 1.88
CA HIS A 72 32.47 2.78 2.98
C HIS A 72 33.18 1.78 3.87
N ALA A 73 33.92 0.86 3.26
CA ALA A 73 34.60 -0.16 4.04
C ALA A 73 35.52 0.46 5.09
N GLU A 74 36.25 1.50 4.70
CA GLU A 74 37.15 2.16 5.62
C GLU A 74 36.40 2.82 6.79
N LEU A 75 35.23 3.41 6.51
CA LEU A 75 34.42 3.98 7.58
C LEU A 75 34.06 2.94 8.64
N VAL A 76 33.64 1.77 8.19
CA VAL A 76 33.24 0.70 9.09
C VAL A 76 34.46 0.15 9.85
N GLU A 77 35.59 0.02 9.15
CA GLU A 77 36.82 -0.46 9.80
C GLU A 77 37.26 0.45 10.95
N LYS A 78 37.14 1.76 10.76
CA LYS A 78 37.47 2.68 11.82
C LYS A 78 36.57 2.48 13.03
N ALA A 79 35.27 2.31 12.76
CA ALA A 79 34.29 2.09 13.81
C ALA A 79 34.61 0.83 14.58
N VAL A 80 34.87 -0.25 13.84
CA VAL A 80 35.19 -1.54 14.45
C VAL A 80 36.50 -1.48 15.23
N ALA A 81 37.49 -0.76 14.70
CA ALA A 81 38.74 -0.58 15.42
C ALA A 81 38.53 0.12 16.77
N GLU A 82 37.69 1.16 16.78
CA GLU A 82 37.48 1.98 17.97
C GLU A 82 36.74 1.15 19.03
N PHE A 83 35.62 0.55 18.65
CA PHE A 83 34.70 -0.03 19.61
C PHE A 83 34.64 -1.56 19.64
N GLY A 84 35.27 -2.22 18.68
CA GLY A 84 35.30 -3.68 18.60
C GLY A 84 34.17 -4.27 17.77
N HIS A 85 33.14 -3.48 17.53
CA HIS A 85 31.94 -3.98 16.86
C HIS A 85 31.04 -2.80 16.44
N VAL A 86 30.19 -3.05 15.44
CA VAL A 86 29.13 -2.12 15.05
C VAL A 86 27.85 -2.93 15.06
N ASP A 87 26.80 -2.38 15.68
CA ASP A 87 25.56 -3.10 15.93
C ASP A 87 24.36 -2.53 15.21
N ILE A 88 24.43 -1.24 14.86
CA ILE A 88 23.28 -0.49 14.34
C ILE A 88 23.77 0.48 13.29
N LEU A 89 23.06 0.53 12.16
CA LEU A 89 23.29 1.51 11.09
C LEU A 89 22.01 2.30 10.83
N VAL A 90 22.11 3.62 10.84
CA VAL A 90 21.04 4.50 10.42
C VAL A 90 21.48 5.25 9.15
N ASN A 91 20.86 4.91 8.02
CA ASN A 91 21.19 5.49 6.71
C ASN A 91 20.45 6.79 6.47
N ASN A 92 20.81 7.81 7.22
CA ASN A 92 20.05 9.05 7.17
C ASN A 92 20.57 10.11 6.17
N ALA A 93 21.84 10.03 5.79
CA ALA A 93 22.42 11.03 4.87
C ALA A 93 21.63 11.08 3.57
N GLY A 94 21.10 12.25 3.23
CA GLY A 94 20.27 12.38 2.02
C GLY A 94 20.20 13.81 1.55
N ILE A 95 19.78 14.00 0.30
CA ILE A 95 19.54 15.34 -0.27
C ILE A 95 18.25 15.34 -1.08
N ILE A 96 17.83 16.54 -1.45
CA ILE A 96 16.65 16.73 -2.28
C ILE A 96 16.97 17.83 -3.30
N ARG A 97 16.46 17.70 -4.52
CA ARG A 97 16.63 18.72 -5.55
C ARG A 97 15.27 18.99 -6.18
N ARG A 98 14.85 20.25 -6.13
CA ARG A 98 13.55 20.64 -6.64
C ARG A 98 13.70 21.39 -7.97
N GLU A 99 13.00 20.92 -8.98
CA GLU A 99 13.08 21.44 -10.35
C GLU A 99 11.92 20.83 -11.10
N ASP A 100 11.25 21.59 -11.97
CA ASP A 100 10.14 21.02 -12.71
C ASP A 100 10.57 19.71 -13.38
N ALA A 101 9.72 18.70 -13.32
CA ALA A 101 10.05 17.39 -13.86
C ALA A 101 10.37 17.47 -15.34
N ILE A 102 9.66 18.36 -16.04
CA ILE A 102 9.85 18.51 -17.49
C ILE A 102 11.21 19.11 -17.84
N GLU A 103 11.80 19.84 -16.91
CA GLU A 103 13.12 20.45 -17.08
C GLU A 103 14.24 19.68 -16.38
N PHE A 104 13.86 18.73 -15.53
CA PHE A 104 14.79 18.10 -14.58
C PHE A 104 16.12 17.68 -15.19
N SER A 105 17.22 18.20 -14.62
CA SER A 105 18.57 17.97 -15.11
C SER A 105 19.11 16.61 -14.72
N GLU A 106 20.09 16.13 -15.47
CA GLU A 106 20.75 14.87 -15.18
C GLU A 106 21.50 14.96 -13.87
N LYS A 107 22.07 16.13 -13.58
CA LYS A 107 22.78 16.34 -12.32
C LYS A 107 21.86 16.18 -11.13
N ASN A 108 20.66 16.75 -11.23
CA ASN A 108 19.69 16.66 -10.11
C ASN A 108 19.16 15.26 -9.95
N TRP A 109 19.23 14.46 -11.01
CA TRP A 109 18.92 13.05 -10.93
C TRP A 109 20.05 12.32 -10.23
N ASP A 110 21.24 12.38 -10.81
CA ASP A 110 22.36 11.56 -10.34
C ASP A 110 22.74 11.86 -8.89
N ASP A 111 22.83 13.16 -8.51
CA ASP A 111 23.32 13.51 -7.19
C ASP A 111 22.38 12.92 -6.13
N VAL A 112 21.09 12.97 -6.41
CA VAL A 112 20.10 12.51 -5.43
C VAL A 112 20.06 10.98 -5.37
N MET A 113 20.04 10.32 -6.50
CA MET A 113 20.03 8.85 -6.52
C MET A 113 21.31 8.31 -5.91
N ASN A 114 22.44 8.93 -6.23
CA ASN A 114 23.73 8.42 -5.75
C ASN A 114 23.77 8.35 -4.23
N LEU A 115 23.26 9.40 -3.59
CA LEU A 115 23.27 9.43 -2.12
C LEU A 115 22.06 8.68 -1.52
N ASN A 116 20.86 9.00 -2.00
CA ASN A 116 19.61 8.54 -1.34
C ASN A 116 19.27 7.07 -1.52
N ILE A 117 19.73 6.43 -2.60
CA ILE A 117 19.50 5.01 -2.74
C ILE A 117 20.77 4.19 -3.00
N LYS A 118 21.62 4.62 -3.94
CA LYS A 118 22.83 3.84 -4.19
C LYS A 118 23.71 3.70 -2.93
N SER A 119 24.01 4.83 -2.27
CA SER A 119 24.93 4.75 -1.12
C SER A 119 24.27 4.01 0.02
N VAL A 120 22.93 4.06 0.05
CA VAL A 120 22.20 3.41 1.13
C VAL A 120 22.33 1.92 0.99
N PHE A 121 22.17 1.43 -0.24
CA PHE A 121 22.35 0.00 -0.46
C PHE A 121 23.77 -0.44 -0.14
N PHE A 122 24.76 0.25 -0.69
CA PHE A 122 26.14 -0.17 -0.49
C PHE A 122 26.66 0.00 0.94
N MET A 123 26.21 1.03 1.66
CA MET A 123 26.59 1.15 3.07
C MET A 123 25.94 0.02 3.89
N SER A 124 24.69 -0.27 3.59
CA SER A 124 24.01 -1.39 4.24
C SER A 124 24.77 -2.69 3.99
N GLN A 125 25.20 -2.90 2.75
CA GLN A 125 25.97 -4.09 2.39
C GLN A 125 27.27 -4.15 3.18
N THR A 126 27.97 -3.02 3.27
CA THR A 126 29.25 -2.94 3.99
C THR A 126 29.08 -3.30 5.46
N VAL A 127 28.05 -2.75 6.08
CA VAL A 127 27.83 -3.00 7.50
C VAL A 127 27.30 -4.41 7.71
N ALA A 128 26.46 -4.90 6.81
CA ALA A 128 25.92 -6.25 6.91
C ALA A 128 27.04 -7.27 6.89
N ARG A 129 28.07 -7.01 6.10
CA ARG A 129 29.23 -7.90 6.08
C ARG A 129 29.88 -7.96 7.45
N GLN A 130 29.95 -6.83 8.13
CA GLN A 130 30.51 -6.78 9.48
C GLN A 130 29.60 -7.49 10.49
N PHE A 131 28.29 -7.33 10.34
CA PHE A 131 27.33 -7.98 11.23
C PHE A 131 27.53 -9.50 11.11
N ILE A 132 27.65 -9.98 9.88
CA ILE A 132 27.80 -11.43 9.62
C ILE A 132 29.11 -11.94 10.23
N LYS A 133 30.18 -11.16 10.07
CA LYS A 133 31.46 -11.52 10.69
C LYS A 133 31.33 -11.64 12.20
N GLN A 134 30.65 -10.68 12.83
CA GLN A 134 30.47 -10.67 14.27
C GLN A 134 29.58 -11.83 14.75
N GLY A 135 28.56 -12.14 13.97
CA GLY A 135 27.68 -13.26 14.30
C GLY A 135 26.72 -12.98 15.45
N LYS A 136 26.42 -11.72 15.72
CA LYS A 136 25.45 -11.39 16.76
C LYS A 136 24.30 -10.54 16.22
N GLY A 137 24.05 -10.69 14.93
CA GLY A 137 22.99 -9.98 14.25
C GLY A 137 23.30 -8.51 14.08
N GLY A 138 22.26 -7.71 13.90
CA GLY A 138 22.43 -6.27 13.76
C GLY A 138 21.17 -5.61 13.30
N LYS A 139 21.19 -4.28 13.27
CA LYS A 139 20.03 -3.47 12.91
C LYS A 139 20.43 -2.48 11.83
N ILE A 140 19.61 -2.42 10.80
CA ILE A 140 19.71 -1.35 9.80
C ILE A 140 18.39 -0.62 9.77
N ILE A 141 18.47 0.70 9.92
CA ILE A 141 17.30 1.59 9.83
C ILE A 141 17.52 2.54 8.65
N ASN A 142 16.74 2.34 7.62
CA ASN A 142 16.73 3.24 6.47
C ASN A 142 15.71 4.35 6.68
N ILE A 143 15.82 5.41 5.90
CA ILE A 143 14.94 6.58 6.06
C ILE A 143 14.16 6.73 4.74
N ALA A 144 12.88 6.42 4.82
CA ALA A 144 11.95 6.53 3.72
C ALA A 144 11.33 7.93 3.81
N SER A 145 10.16 8.10 3.19
CA SER A 145 9.53 9.40 3.09
C SER A 145 8.05 9.19 2.85
N MET A 146 7.26 10.24 3.03
CA MET A 146 5.91 10.25 2.49
C MET A 146 5.93 10.02 0.97
N LEU A 147 7.03 10.44 0.33
CA LEU A 147 7.20 10.26 -1.09
C LEU A 147 7.65 8.84 -1.48
N SER A 148 7.71 7.94 -0.51
CA SER A 148 7.76 6.49 -0.77
C SER A 148 6.38 5.95 -1.09
N PHE A 149 5.34 6.72 -0.72
CA PHE A 149 3.94 6.31 -0.83
C PHE A 149 3.16 7.15 -1.83
N GLN A 150 3.49 8.44 -1.88
CA GLN A 150 2.83 9.42 -2.71
C GLN A 150 3.86 9.99 -3.68
N GLY A 151 3.38 10.64 -4.74
CA GLY A 151 4.27 11.14 -5.78
C GLY A 151 5.02 12.43 -5.50
N GLY A 152 4.32 13.42 -4.93
CA GLY A 152 4.87 14.75 -4.80
C GLY A 152 5.03 15.40 -6.17
N ILE A 153 5.73 16.53 -6.20
CA ILE A 153 5.99 17.26 -7.43
C ILE A 153 7.38 17.88 -7.41
N ARG A 154 7.97 18.05 -8.59
CA ARG A 154 9.26 18.73 -8.76
C ARG A 154 10.48 18.03 -8.14
N VAL A 155 10.30 16.79 -7.67
CA VAL A 155 11.39 16.06 -7.05
C VAL A 155 11.48 14.60 -7.57
N PRO A 156 11.48 14.41 -8.91
CA PRO A 156 11.45 13.02 -9.41
C PRO A 156 12.53 12.09 -8.84
N SER A 157 13.77 12.56 -8.70
CA SER A 157 14.84 11.69 -8.18
C SER A 157 14.63 11.41 -6.69
N TYR A 158 14.01 12.34 -5.97
CA TYR A 158 13.73 12.09 -4.55
C TYR A 158 12.67 11.01 -4.40
N THR A 159 11.58 11.18 -5.12
CA THR A 159 10.50 10.20 -5.10
C THR A 159 11.01 8.83 -5.55
N ALA A 160 11.78 8.83 -6.63
CA ALA A 160 12.36 7.56 -7.11
C ALA A 160 13.21 6.92 -6.02
N SER A 161 14.15 7.69 -5.46
CA SER A 161 15.08 7.16 -4.48
C SER A 161 14.36 6.68 -3.23
N LYS A 162 13.40 7.45 -2.74
CA LYS A 162 12.73 7.06 -1.49
C LYS A 162 11.77 5.90 -1.66
N SER A 163 11.13 5.80 -2.82
CA SER A 163 10.34 4.60 -3.15
C SER A 163 11.29 3.40 -3.22
N ALA A 164 12.45 3.57 -3.84
CA ALA A 164 13.46 2.50 -3.91
C ALA A 164 13.94 2.10 -2.53
N VAL A 165 14.06 3.06 -1.61
CA VAL A 165 14.47 2.71 -0.24
C VAL A 165 13.51 1.70 0.39
N MET A 166 12.21 1.93 0.22
CA MET A 166 11.22 1.06 0.82
C MET A 166 11.36 -0.35 0.23
N GLY A 167 11.63 -0.41 -1.08
CA GLY A 167 11.75 -1.70 -1.76
C GLY A 167 12.99 -2.46 -1.35
N VAL A 168 14.15 -1.79 -1.32
CA VAL A 168 15.40 -2.50 -0.97
C VAL A 168 15.41 -2.90 0.49
N THR A 169 14.71 -2.15 1.33
CA THR A 169 14.55 -2.55 2.72
C THR A 169 13.90 -3.94 2.81
N ARG A 170 12.90 -4.18 1.99
CA ARG A 170 12.24 -5.50 1.92
C ARG A 170 13.24 -6.57 1.51
N LEU A 171 13.97 -6.32 0.43
CA LEU A 171 14.90 -7.36 -0.09
C LEU A 171 16.03 -7.65 0.90
N MET A 172 16.56 -6.62 1.53
CA MET A 172 17.65 -6.77 2.47
C MET A 172 17.17 -7.65 3.65
N ALA A 173 15.96 -7.41 4.13
CA ALA A 173 15.37 -8.27 5.16
C ALA A 173 15.25 -9.73 4.68
N ASN A 174 14.76 -9.91 3.47
CA ASN A 174 14.55 -11.25 2.89
C ASN A 174 15.81 -12.07 2.93
N GLU A 175 16.93 -11.44 2.60
CA GLU A 175 18.19 -12.14 2.53
C GLU A 175 18.92 -12.25 3.86
N TRP A 176 18.82 -11.24 4.71
CA TRP A 176 19.65 -11.15 5.89
C TRP A 176 18.95 -11.47 7.21
N ALA A 177 17.63 -11.56 7.22
CA ALA A 177 16.89 -11.87 8.45
C ALA A 177 17.36 -13.17 9.11
N LYS A 178 17.74 -14.13 8.28
CA LYS A 178 18.26 -15.42 8.78
C LYS A 178 19.48 -15.28 9.66
N HIS A 179 20.22 -14.17 9.53
CA HIS A 179 21.39 -13.91 10.35
C HIS A 179 21.09 -13.06 11.60
N GLY A 180 19.82 -12.89 11.93
CA GLY A 180 19.45 -12.02 13.04
C GLY A 180 19.70 -10.54 12.73
N ILE A 181 19.65 -10.21 11.45
CA ILE A 181 19.76 -8.81 11.01
C ILE A 181 18.35 -8.32 10.68
N ASN A 182 17.97 -7.19 11.27
CA ASN A 182 16.69 -6.56 11.02
C ASN A 182 16.94 -5.29 10.21
N VAL A 183 16.36 -5.26 9.02
CA VAL A 183 16.44 -4.11 8.14
C VAL A 183 15.01 -3.55 8.04
N ASN A 184 14.83 -2.33 8.56
CA ASN A 184 13.55 -1.67 8.53
C ASN A 184 13.73 -0.22 8.12
N ALA A 185 12.63 0.49 7.95
CA ALA A 185 12.72 1.91 7.63
C ALA A 185 11.74 2.74 8.44
N ILE A 186 12.14 3.98 8.69
CA ILE A 186 11.28 5.02 9.22
C ILE A 186 10.93 5.97 8.09
N ALA A 187 9.64 6.25 7.92
CA ALA A 187 9.18 7.27 6.95
C ALA A 187 8.72 8.48 7.75
N PRO A 188 9.59 9.48 7.93
CA PRO A 188 9.13 10.71 8.56
C PRO A 188 8.05 11.33 7.74
N GLY A 189 7.09 11.99 8.40
CA GLY A 189 6.10 12.82 7.73
C GLY A 189 6.68 14.18 7.39
N TYR A 190 5.86 15.20 7.60
CA TYR A 190 6.27 16.58 7.39
C TYR A 190 6.89 17.09 8.66
N MET A 191 8.22 17.20 8.64
CA MET A 191 9.02 17.51 9.83
C MET A 191 9.55 18.93 9.67
N ALA A 192 9.67 19.64 10.78
CA ALA A 192 10.19 21.01 10.76
C ALA A 192 11.72 20.99 10.82
N THR A 193 12.34 20.81 9.66
CA THR A 193 13.80 20.82 9.51
C THR A 193 14.12 21.62 8.26
N ASN A 194 15.40 21.67 7.89
CA ASN A 194 15.82 22.44 6.72
C ASN A 194 15.05 22.07 5.45
N ASN A 195 14.73 20.79 5.26
CA ASN A 195 13.99 20.35 4.06
C ASN A 195 12.59 20.93 3.89
N THR A 196 11.98 21.43 4.98
CA THR A 196 10.68 22.09 4.87
C THR A 196 10.73 23.59 5.19
N GLN A 197 11.94 24.15 5.19
CA GLN A 197 12.16 25.56 5.55
C GLN A 197 11.39 26.51 4.63
N GLN A 198 11.58 26.34 3.31
CA GLN A 198 10.89 27.15 2.31
C GLN A 198 9.38 26.99 2.42
N LEU A 199 8.94 25.74 2.49
CA LEU A 199 7.53 25.41 2.62
C LEU A 199 6.87 26.12 3.80
N ARG A 200 7.56 26.10 4.94
CA ARG A 200 7.03 26.69 6.17
C ARG A 200 7.06 28.22 6.17
N ALA A 201 7.82 28.81 5.26
CA ALA A 201 7.92 30.27 5.14
C ALA A 201 6.70 30.83 4.42
N ASP A 202 6.12 30.00 3.55
CA ASP A 202 4.88 30.31 2.86
C ASP A 202 3.72 30.03 3.82
N GLU A 203 3.16 31.08 4.42
CA GLU A 203 2.10 30.91 5.41
C GLU A 203 0.91 30.10 4.89
N GLU A 204 0.51 30.37 3.65
CA GLU A 204 -0.63 29.68 3.02
C GLU A 204 -0.37 28.19 2.83
N ARG A 205 0.77 27.86 2.22
CA ARG A 205 1.13 26.45 1.99
C ARG A 205 1.36 25.71 3.31
N SER A 206 2.02 26.37 4.24
CA SER A 206 2.29 25.80 5.56
C SER A 206 0.98 25.33 6.21
N LYS A 207 -0.05 26.18 6.17
CA LYS A 207 -1.35 25.84 6.78
C LYS A 207 -2.08 24.73 6.04
N GLU A 208 -1.95 24.72 4.71
CA GLU A 208 -2.60 23.69 3.90
C GLU A 208 -2.05 22.29 4.27
N ILE A 209 -0.75 22.21 4.53
CA ILE A 209 -0.15 20.95 5.00
C ILE A 209 -0.51 20.64 6.44
N LEU A 210 -0.32 21.62 7.33
CA LEU A 210 -0.61 21.40 8.75
C LEU A 210 -2.04 20.96 8.98
N ASP A 211 -3.00 21.55 8.26
CA ASP A 211 -4.42 21.19 8.39
C ASP A 211 -4.70 19.75 7.93
N ARG A 212 -3.78 19.16 7.18
CA ARG A 212 -3.89 17.76 6.75
C ARG A 212 -3.03 16.79 7.56
N ILE A 213 -2.41 17.28 8.64
CA ILE A 213 -1.74 16.43 9.62
C ILE A 213 -2.69 16.23 10.80
N PRO A 214 -3.26 15.01 10.95
CA PRO A 214 -4.18 14.80 12.07
C PRO A 214 -3.68 15.22 13.44
N ALA A 215 -2.40 15.00 13.73
CA ALA A 215 -1.82 15.40 15.02
C ALA A 215 -1.86 16.90 15.26
N GLY A 216 -2.00 17.68 14.19
CA GLY A 216 -2.11 19.14 14.31
C GLY A 216 -0.80 19.82 14.67
N ARG A 217 0.33 19.18 14.32
CA ARG A 217 1.63 19.78 14.48
C ARG A 217 2.61 19.12 13.54
N TRP A 218 3.69 19.84 13.24
CA TRP A 218 4.79 19.33 12.45
C TRP A 218 5.57 18.35 13.27
N GLY A 219 6.24 17.41 12.59
CA GLY A 219 7.19 16.56 13.27
C GLY A 219 8.49 17.26 13.62
N LEU A 220 9.16 16.76 14.64
CA LEU A 220 10.43 17.29 15.10
C LEU A 220 11.46 16.17 15.17
N PRO A 221 12.75 16.52 15.20
CA PRO A 221 13.74 15.46 15.39
C PRO A 221 13.49 14.57 16.62
N GLN A 222 12.97 15.15 17.70
CA GLN A 222 12.70 14.37 18.91
C GLN A 222 11.71 13.23 18.64
N ASP A 223 10.80 13.40 17.69
CA ASP A 223 9.77 12.39 17.36
C ASP A 223 10.37 11.13 16.75
N LEU A 224 11.60 11.21 16.25
CA LEU A 224 12.28 9.99 15.76
C LEU A 224 13.16 9.26 16.78
N MET A 225 13.33 9.81 17.98
CA MET A 225 14.20 9.18 18.99
C MET A 225 13.64 7.83 19.45
N GLY A 226 12.38 7.85 19.84
CA GLY A 226 11.72 6.63 20.26
C GLY A 226 11.63 5.58 19.18
N PRO A 227 11.16 5.96 17.97
CA PRO A 227 11.06 4.95 16.92
C PRO A 227 12.42 4.38 16.49
N SER A 228 13.45 5.21 16.46
CA SER A 228 14.77 4.70 16.09
C SER A 228 15.35 3.78 17.17
N VAL A 229 15.22 4.15 18.45
CA VAL A 229 15.66 3.25 19.54
C VAL A 229 14.92 1.90 19.46
N PHE A 230 13.61 1.96 19.27
CA PHE A 230 12.77 0.79 19.11
C PHE A 230 13.30 -0.14 18.04
N LEU A 231 13.49 0.41 16.85
CA LEU A 231 13.96 -0.37 15.70
C LEU A 231 15.41 -0.82 15.81
N ALA A 232 16.18 -0.15 16.67
CA ALA A 232 17.58 -0.51 16.91
C ALA A 232 17.74 -1.52 18.06
N SER A 233 16.63 -1.92 18.69
CA SER A 233 16.63 -2.72 19.93
C SER A 233 16.02 -4.11 19.76
N SER A 234 16.25 -4.96 20.76
CA SER A 234 15.65 -6.28 20.76
C SER A 234 14.13 -6.25 20.91
N ALA A 235 13.57 -5.11 21.31
CA ALA A 235 12.09 -4.96 21.39
C ALA A 235 11.37 -5.09 20.05
N SER A 236 12.11 -5.03 18.95
CA SER A 236 11.54 -5.11 17.61
C SER A 236 12.08 -6.29 16.79
N ASP A 237 12.51 -7.34 17.47
CA ASP A 237 13.21 -8.44 16.81
C ASP A 237 12.41 -9.19 15.74
N TYR A 238 11.08 -9.22 15.85
CA TYR A 238 10.26 -9.86 14.81
C TYR A 238 9.68 -8.88 13.80
N ILE A 239 10.19 -7.65 13.78
CA ILE A 239 9.87 -6.69 12.73
C ILE A 239 11.01 -6.69 11.75
N ASN A 240 10.70 -6.91 10.50
CA ASN A 240 11.74 -6.99 9.48
C ASN A 240 11.21 -6.67 8.10
N GLY A 241 11.96 -5.86 7.38
CA GLY A 241 11.61 -5.46 6.03
C GLY A 241 10.51 -4.44 5.94
N TYR A 242 10.21 -3.80 7.06
CA TYR A 242 9.00 -2.96 7.13
C TYR A 242 9.32 -1.49 7.31
N THR A 243 8.44 -0.66 6.74
CA THR A 243 8.56 0.78 6.85
C THR A 243 7.49 1.28 7.83
N ILE A 244 7.94 2.03 8.83
CA ILE A 244 7.05 2.60 9.83
C ILE A 244 6.97 4.10 9.62
N ALA A 245 5.77 4.60 9.39
CA ALA A 245 5.52 6.03 9.21
C ALA A 245 5.48 6.73 10.57
N VAL A 246 6.25 7.81 10.68
CA VAL A 246 6.28 8.65 11.86
C VAL A 246 5.84 10.04 11.34
N ASP A 247 4.55 10.17 11.15
CA ASP A 247 3.96 11.22 10.34
C ASP A 247 2.77 11.95 10.95
N GLY A 248 2.48 11.74 12.22
CA GLY A 248 1.36 12.46 12.84
C GLY A 248 0.02 12.13 12.21
N GLY A 249 -0.03 11.03 11.44
CA GLY A 249 -1.25 10.60 10.75
C GLY A 249 -1.38 11.05 9.31
N TRP A 250 -0.33 11.63 8.74
CA TRP A 250 -0.40 12.10 7.35
C TRP A 250 -0.98 11.05 6.39
N LEU A 251 -0.44 9.84 6.38
CA LEU A 251 -0.88 8.84 5.43
C LEU A 251 -2.29 8.33 5.71
N ALA A 252 -2.75 8.51 6.95
CA ALA A 252 -4.09 8.08 7.34
C ALA A 252 -5.18 8.95 6.79
N ARG A 253 -4.86 10.21 6.53
CA ARG A 253 -5.88 11.22 6.25
C ARG A 253 -6.50 11.03 4.88
N MET B 1 15.42 12.05 28.55
CA MET B 1 16.10 10.75 28.38
C MET B 1 15.11 9.73 27.85
N ILE B 2 15.41 9.22 26.66
CA ILE B 2 14.43 8.49 25.86
C ILE B 2 13.92 7.20 26.48
N LEU B 3 14.76 6.49 27.23
CA LEU B 3 14.30 5.24 27.84
C LEU B 3 13.12 5.50 28.77
N ASN B 4 13.07 6.68 29.38
CA ASN B 4 11.89 7.08 30.17
C ASN B 4 10.61 7.08 29.34
N SER B 5 10.73 7.39 28.05
CA SER B 5 9.55 7.47 27.18
C SER B 5 8.85 6.14 26.98
N PHE B 6 9.55 5.03 27.23
CA PHE B 6 8.98 3.69 27.09
C PHE B 6 8.38 3.17 28.41
N ASP B 7 8.67 3.87 29.51
CA ASP B 7 8.23 3.49 30.85
C ASP B 7 6.74 3.78 31.05
N LEU B 8 5.97 2.75 31.37
CA LEU B 8 4.52 2.89 31.52
C LEU B 8 4.07 2.87 32.98
N GLN B 9 4.98 3.20 33.90
CA GLN B 9 4.58 3.26 35.32
C GLN B 9 3.46 4.27 35.48
N GLY B 10 2.50 3.94 36.34
CA GLY B 10 1.36 4.79 36.55
C GLY B 10 0.24 4.64 35.53
N LYS B 11 0.47 3.88 34.45
CA LYS B 11 -0.53 3.73 33.41
C LYS B 11 -1.48 2.58 33.67
N VAL B 12 -2.64 2.68 33.02
CA VAL B 12 -3.68 1.67 33.10
C VAL B 12 -4.08 1.23 31.69
N ALA B 13 -3.96 -0.08 31.42
CA ALA B 13 -4.24 -0.66 30.11
C ALA B 13 -5.38 -1.63 30.20
N LEU B 14 -6.35 -1.41 29.33
CA LEU B 14 -7.48 -2.30 29.19
C LEU B 14 -7.20 -3.16 27.98
N ILE B 15 -7.14 -4.48 28.18
CA ILE B 15 -6.87 -5.41 27.11
C ILE B 15 -8.00 -6.42 27.01
N THR B 16 -8.61 -6.50 25.84
CA THR B 16 -9.66 -7.48 25.57
C THR B 16 -9.00 -8.71 24.97
N GLY B 17 -9.37 -9.88 25.49
CA GLY B 17 -8.87 -11.14 24.99
C GLY B 17 -7.42 -11.33 25.42
N CYS B 18 -7.18 -11.56 26.71
CA CYS B 18 -5.81 -11.72 27.20
C CYS B 18 -5.66 -12.95 28.11
N ASP B 19 -6.47 -13.98 27.88
CA ASP B 19 -6.32 -15.18 28.68
C ASP B 19 -5.20 -16.07 28.15
N THR B 20 -4.87 -15.96 26.87
CA THR B 20 -3.89 -16.84 26.27
C THR B 20 -3.10 -16.20 25.11
N GLY B 21 -2.04 -16.89 24.68
CA GLY B 21 -1.30 -16.56 23.46
C GLY B 21 -0.90 -15.10 23.34
N LEU B 22 -1.29 -14.50 22.23
CA LEU B 22 -0.88 -13.14 21.88
C LEU B 22 -1.40 -12.10 22.86
N GLY B 23 -2.68 -12.19 23.21
CA GLY B 23 -3.25 -11.23 24.15
C GLY B 23 -2.62 -11.32 25.53
N GLN B 24 -2.37 -12.54 25.98
CA GLN B 24 -1.70 -12.77 27.23
C GLN B 24 -0.31 -12.11 27.18
N GLY B 25 0.41 -12.33 26.08
CA GLY B 25 1.74 -11.75 25.91
C GLY B 25 1.72 -10.24 25.99
N MET B 26 0.75 -9.61 25.32
CA MET B 26 0.65 -8.17 25.33
C MET B 26 0.31 -7.63 26.71
N ALA B 27 -0.63 -8.25 27.42
CA ALA B 27 -0.91 -7.85 28.79
C ALA B 27 0.29 -7.97 29.72
N ILE B 28 1.02 -9.08 29.62
CA ILE B 28 2.21 -9.26 30.43
C ILE B 28 3.28 -8.22 30.10
N GLY B 29 3.50 -7.96 28.82
CA GLY B 29 4.49 -6.98 28.40
C GLY B 29 4.15 -5.58 28.93
N LEU B 30 2.88 -5.20 28.80
CA LEU B 30 2.44 -3.93 29.32
C LEU B 30 2.64 -3.86 30.84
N ALA B 31 2.32 -4.96 31.55
CA ALA B 31 2.53 -5.02 32.99
C ALA B 31 4.01 -4.89 33.37
N GLN B 32 4.85 -5.57 32.62
CA GLN B 32 6.29 -5.50 32.82
C GLN B 32 6.82 -4.06 32.68
N ALA B 33 6.23 -3.31 31.76
CA ALA B 33 6.58 -1.91 31.55
C ALA B 33 5.99 -0.95 32.59
N GLY B 34 5.11 -1.46 33.47
CA GLY B 34 4.57 -0.66 34.56
C GLY B 34 3.06 -0.52 34.64
N CYS B 35 2.35 -1.02 33.64
CA CYS B 35 0.91 -0.86 33.58
C CYS B 35 0.19 -1.73 34.58
N ASP B 36 -0.81 -1.17 35.24
CA ASP B 36 -1.85 -2.00 35.82
C ASP B 36 -2.79 -2.42 34.69
N ILE B 37 -3.44 -3.58 34.83
CA ILE B 37 -4.17 -4.18 33.73
C ILE B 37 -5.65 -4.38 34.05
N VAL B 38 -6.50 -4.04 33.09
CA VAL B 38 -7.90 -4.39 33.10
C VAL B 38 -8.12 -5.37 31.98
N GLY B 39 -8.54 -6.59 32.31
CA GLY B 39 -8.85 -7.58 31.32
C GLY B 39 -10.33 -7.66 31.07
N VAL B 40 -10.71 -7.87 29.82
CA VAL B 40 -12.07 -8.28 29.44
C VAL B 40 -12.00 -9.62 28.68
N ASN B 41 -12.58 -10.67 29.27
CA ASN B 41 -12.51 -12.00 28.70
C ASN B 41 -13.83 -12.77 28.90
N ILE B 42 -14.01 -13.86 28.16
CA ILE B 42 -15.18 -14.75 28.30
C ILE B 42 -15.04 -15.57 29.58
N VAL B 43 -13.82 -15.99 29.88
CA VAL B 43 -13.48 -16.75 31.09
C VAL B 43 -12.34 -16.08 31.86
N GLU B 44 -12.19 -16.42 33.13
CA GLU B 44 -11.13 -15.90 33.97
C GLU B 44 -9.76 -16.17 33.34
N PRO B 45 -8.96 -15.11 33.11
CA PRO B 45 -7.58 -15.27 32.64
C PRO B 45 -6.65 -15.63 33.79
N LYS B 46 -6.82 -16.83 34.33
CA LYS B 46 -6.21 -17.16 35.62
C LYS B 46 -4.68 -17.06 35.57
N ASP B 47 -4.09 -17.64 34.53
CA ASP B 47 -2.65 -17.65 34.34
C ASP B 47 -2.11 -16.23 34.12
N THR B 48 -2.78 -15.48 33.26
CA THR B 48 -2.40 -14.08 33.05
C THR B 48 -2.43 -13.27 34.35
N ILE B 49 -3.50 -13.43 35.15
CA ILE B 49 -3.61 -12.73 36.43
C ILE B 49 -2.44 -13.08 37.36
N GLU B 50 -2.13 -14.37 37.45
CA GLU B 50 -1.00 -14.82 38.27
C GLU B 50 0.30 -14.12 37.88
N LYS B 51 0.55 -14.05 36.57
CA LYS B 51 1.78 -13.46 36.07
C LYS B 51 1.83 -11.95 36.25
N VAL B 52 0.70 -11.29 36.03
CA VAL B 52 0.65 -9.85 36.20
C VAL B 52 0.84 -9.48 37.67
N THR B 53 0.12 -10.18 38.55
CA THR B 53 0.18 -9.87 39.97
C THR B 53 1.55 -10.21 40.58
N ALA B 54 2.22 -11.21 40.00
CA ALA B 54 3.58 -11.56 40.40
C ALA B 54 4.57 -10.43 40.12
N LEU B 55 4.29 -9.62 39.09
CA LEU B 55 5.11 -8.42 38.81
C LEU B 55 4.86 -7.27 39.79
N GLY B 56 3.89 -7.42 40.69
CA GLY B 56 3.53 -6.36 41.62
C GLY B 56 2.49 -5.40 41.06
N ARG B 57 1.89 -5.78 39.94
CA ARG B 57 0.90 -4.95 39.28
C ARG B 57 -0.52 -5.40 39.63
N ARG B 58 -1.48 -4.49 39.50
CA ARG B 58 -2.89 -4.80 39.71
C ARG B 58 -3.51 -5.36 38.46
N PHE B 59 -4.49 -6.24 38.63
CA PHE B 59 -5.28 -6.79 37.54
C PHE B 59 -6.74 -6.76 37.93
N LEU B 60 -7.56 -6.05 37.14
CA LEU B 60 -8.99 -6.09 37.31
C LEU B 60 -9.56 -7.00 36.23
N SER B 61 -10.15 -8.12 36.62
CA SER B 61 -10.70 -9.05 35.65
C SER B 61 -12.18 -8.84 35.47
N LEU B 62 -12.56 -8.36 34.29
CA LEU B 62 -13.96 -8.23 33.89
C LEU B 62 -14.32 -9.37 32.95
N THR B 63 -15.53 -9.89 33.12
CA THR B 63 -16.00 -11.02 32.36
C THR B 63 -17.17 -10.55 31.53
N ALA B 64 -17.06 -10.68 30.21
CA ALA B 64 -18.09 -10.18 29.32
C ALA B 64 -17.88 -10.66 27.89
N ASP B 65 -18.95 -10.63 27.11
CA ASP B 65 -18.89 -10.84 25.66
C ASP B 65 -18.68 -9.47 25.00
N MET B 66 -17.49 -9.28 24.44
CA MET B 66 -17.13 -8.00 23.83
C MET B 66 -18.02 -7.63 22.64
N SER B 67 -18.61 -8.64 21.98
CA SER B 67 -19.55 -8.41 20.87
C SER B 67 -20.85 -7.69 21.25
N ASN B 68 -21.20 -7.70 22.53
CA ASN B 68 -22.34 -6.91 23.04
C ASN B 68 -21.93 -5.46 23.25
N VAL B 69 -22.13 -4.63 22.22
CA VAL B 69 -21.68 -3.23 22.30
C VAL B 69 -22.40 -2.40 23.35
N SER B 70 -23.62 -2.78 23.73
CA SER B 70 -24.33 -2.07 24.79
C SER B 70 -23.66 -2.20 26.15
N GLY B 71 -22.77 -3.19 26.29
CA GLY B 71 -22.09 -3.45 27.56
C GLY B 71 -20.78 -2.71 27.78
N HIS B 72 -20.28 -2.04 26.73
CA HIS B 72 -18.96 -1.40 26.81
C HIS B 72 -18.84 -0.26 27.78
N ALA B 73 -19.86 0.60 27.84
CA ALA B 73 -19.77 1.77 28.71
C ALA B 73 -19.58 1.32 30.15
N GLU B 74 -20.26 0.24 30.55
CA GLU B 74 -20.14 -0.30 31.90
C GLU B 74 -18.74 -0.85 32.18
N LEU B 75 -18.20 -1.59 31.21
CA LEU B 75 -16.85 -2.13 31.32
C LEU B 75 -15.83 -1.01 31.55
N VAL B 76 -15.92 0.05 30.75
CA VAL B 76 -15.05 1.22 30.92
C VAL B 76 -15.30 1.98 32.25
N GLU B 77 -16.56 2.15 32.64
CA GLU B 77 -16.91 2.75 33.94
C GLU B 77 -16.27 1.97 35.08
N LYS B 78 -16.33 0.64 35.01
CA LYS B 78 -15.74 -0.21 36.05
C LYS B 78 -14.22 -0.04 36.13
N ALA B 79 -13.56 0.04 34.96
CA ALA B 79 -12.13 0.27 34.91
C ALA B 79 -11.76 1.63 35.51
N VAL B 80 -12.51 2.66 35.15
CA VAL B 80 -12.27 4.01 35.65
C VAL B 80 -12.53 4.11 37.15
N ALA B 81 -13.56 3.44 37.63
CA ALA B 81 -13.82 3.44 39.07
C ALA B 81 -12.67 2.79 39.85
N GLU B 82 -12.19 1.63 39.38
CA GLU B 82 -11.12 0.90 40.07
C GLU B 82 -9.78 1.64 40.11
N PHE B 83 -9.36 2.24 38.99
CA PHE B 83 -8.03 2.85 38.89
C PHE B 83 -8.01 4.38 38.81
N GLY B 84 -9.16 5.00 38.53
CA GLY B 84 -9.25 6.46 38.41
C GLY B 84 -9.13 6.97 36.99
N HIS B 85 -8.57 6.15 36.12
CA HIS B 85 -8.32 6.53 34.73
C HIS B 85 -8.01 5.29 33.90
N VAL B 86 -8.17 5.41 32.59
CA VAL B 86 -7.73 4.39 31.65
C VAL B 86 -6.93 5.13 30.58
N ASP B 87 -5.77 4.58 30.25
CA ASP B 87 -4.83 5.26 29.35
C ASP B 87 -4.55 4.56 28.03
N ILE B 88 -4.80 3.26 27.98
CA ILE B 88 -4.42 2.41 26.87
C ILE B 88 -5.54 1.37 26.64
N LEU B 89 -5.87 1.13 25.38
CA LEU B 89 -6.81 0.08 24.98
C LEU B 89 -6.14 -0.80 23.94
N VAL B 90 -6.20 -2.12 24.13
CA VAL B 90 -5.72 -3.08 23.17
C VAL B 90 -6.91 -3.96 22.80
N ASN B 91 -7.34 -3.86 21.53
CA ASN B 91 -8.53 -4.53 21.04
C ASN B 91 -8.18 -5.88 20.44
N ASN B 92 -7.79 -6.82 21.32
CA ASN B 92 -7.34 -8.12 20.87
C ASN B 92 -8.42 -9.21 20.76
N ALA B 93 -9.53 -9.03 21.45
CA ALA B 93 -10.57 -10.06 21.44
C ALA B 93 -11.06 -10.26 20.02
N GLY B 94 -10.93 -11.49 19.52
CA GLY B 94 -11.24 -11.82 18.15
C GLY B 94 -11.43 -13.32 17.97
N ILE B 95 -12.05 -13.69 16.87
CA ILE B 95 -12.22 -15.08 16.46
C ILE B 95 -12.01 -15.24 14.97
N ILE B 96 -11.93 -16.50 14.55
CA ILE B 96 -11.84 -16.85 13.16
C ILE B 96 -12.75 -18.07 12.89
N ARG B 97 -13.33 -18.10 11.70
CA ARG B 97 -14.19 -19.20 11.28
C ARG B 97 -13.76 -19.64 9.90
N ARG B 98 -13.39 -20.92 9.78
CA ARG B 98 -12.89 -21.47 8.53
C ARG B 98 -13.95 -22.33 7.87
N GLU B 99 -14.17 -22.07 6.57
CA GLU B 99 -15.22 -22.72 5.79
C GLU B 99 -15.08 -22.20 4.37
N ASP B 100 -15.22 -23.08 3.38
CA ASP B 100 -15.11 -22.68 1.98
C ASP B 100 -15.97 -21.43 1.73
N ALA B 101 -15.40 -20.48 0.98
CA ALA B 101 -16.07 -19.22 0.65
C ALA B 101 -17.41 -19.45 -0.04
N ILE B 102 -17.45 -20.46 -0.90
CA ILE B 102 -18.66 -20.80 -1.64
C ILE B 102 -19.78 -21.35 -0.74
N GLU B 103 -19.41 -21.91 0.41
CA GLU B 103 -20.38 -22.46 1.37
C GLU B 103 -20.55 -21.58 2.61
N PHE B 104 -19.74 -20.53 2.73
CA PHE B 104 -19.67 -19.72 3.94
C PHE B 104 -21.06 -19.33 4.46
N SER B 105 -21.31 -19.64 5.73
CA SER B 105 -22.58 -19.33 6.39
C SER B 105 -22.69 -17.88 6.83
N GLU B 106 -23.92 -17.42 7.01
CA GLU B 106 -24.19 -16.11 7.56
C GLU B 106 -23.76 -16.01 9.02
N LYS B 107 -23.84 -17.12 9.76
CA LYS B 107 -23.43 -17.15 11.15
C LYS B 107 -21.92 -16.90 11.28
N ASN B 108 -21.15 -17.59 10.45
CA ASN B 108 -19.70 -17.43 10.42
C ASN B 108 -19.27 -16.09 9.86
N TRP B 109 -20.17 -15.40 9.17
CA TRP B 109 -19.93 -14.01 8.80
C TRP B 109 -20.16 -13.12 10.01
N ASP B 110 -21.40 -13.14 10.50
CA ASP B 110 -21.83 -12.25 11.57
C ASP B 110 -20.97 -12.39 12.82
N ASP B 111 -20.65 -13.62 13.20
CA ASP B 111 -19.95 -13.86 14.45
C ASP B 111 -18.57 -13.17 14.42
N VAL B 112 -17.89 -13.32 13.29
CA VAL B 112 -16.55 -12.77 13.11
C VAL B 112 -16.57 -11.25 12.99
N MET B 113 -17.46 -10.73 12.14
CA MET B 113 -17.58 -9.28 11.98
C MET B 113 -18.01 -8.58 13.26
N ASN B 114 -18.97 -9.14 14.00
CA ASN B 114 -19.43 -8.51 15.22
C ASN B 114 -18.30 -8.26 16.22
N LEU B 115 -17.42 -9.24 16.35
CA LEU B 115 -16.33 -9.17 17.31
C LEU B 115 -15.11 -8.45 16.74
N ASN B 116 -14.69 -8.89 15.57
CA ASN B 116 -13.38 -8.48 15.01
C ASN B 116 -13.35 -7.05 14.46
N ILE B 117 -14.50 -6.51 14.03
CA ILE B 117 -14.55 -5.11 13.57
C ILE B 117 -15.60 -4.25 14.27
N LYS B 118 -16.86 -4.72 14.35
CA LYS B 118 -17.87 -3.91 15.00
C LYS B 118 -17.54 -3.59 16.46
N SER B 119 -17.20 -4.61 17.25
CA SER B 119 -16.91 -4.37 18.66
C SER B 119 -15.62 -3.55 18.81
N VAL B 120 -14.69 -3.73 17.86
CA VAL B 120 -13.45 -2.95 17.91
C VAL B 120 -13.74 -1.48 17.72
N PHE B 121 -14.56 -1.15 16.72
CA PHE B 121 -14.94 0.25 16.59
C PHE B 121 -15.65 0.80 17.83
N PHE B 122 -16.68 0.09 18.32
CA PHE B 122 -17.44 0.63 19.44
C PHE B 122 -16.72 0.64 20.79
N MET B 123 -15.84 -0.34 21.03
CA MET B 123 -15.01 -0.26 22.22
C MET B 123 -14.04 0.93 22.15
N SER B 124 -13.47 1.12 20.96
CA SER B 124 -12.57 2.25 20.76
C SER B 124 -13.28 3.58 20.98
N GLN B 125 -14.51 3.68 20.48
CA GLN B 125 -15.33 4.87 20.71
C GLN B 125 -15.57 5.11 22.21
N THR B 126 -15.91 4.03 22.89
CA THR B 126 -16.22 4.09 24.32
C THR B 126 -15.03 4.59 25.12
N VAL B 127 -13.87 4.00 24.87
CA VAL B 127 -12.67 4.40 25.58
C VAL B 127 -12.23 5.80 25.17
N ALA B 128 -12.31 6.12 23.87
CA ALA B 128 -11.96 7.45 23.42
C ALA B 128 -12.79 8.53 24.13
N ARG B 129 -14.06 8.26 24.41
CA ARG B 129 -14.87 9.20 25.19
C ARG B 129 -14.25 9.47 26.55
N GLN B 130 -13.75 8.42 27.18
CA GLN B 130 -13.10 8.52 28.45
C GLN B 130 -11.77 9.26 28.32
N PHE B 131 -11.00 8.96 27.28
CA PHE B 131 -9.73 9.68 27.07
C PHE B 131 -9.97 11.19 26.96
N ILE B 132 -10.97 11.56 26.18
CA ILE B 132 -11.30 12.97 25.97
C ILE B 132 -11.73 13.64 27.28
N LYS B 133 -12.55 12.96 28.08
CA LYS B 133 -12.92 13.43 29.43
C LYS B 133 -11.69 13.70 30.32
N GLN B 134 -10.77 12.73 30.33
CA GLN B 134 -9.54 12.84 31.12
C GLN B 134 -8.63 13.99 30.68
N GLY B 135 -8.55 14.22 29.38
CA GLY B 135 -7.73 15.30 28.85
C GLY B 135 -6.23 15.07 28.84
N LYS B 136 -5.79 13.83 29.01
CA LYS B 136 -4.36 13.50 28.94
C LYS B 136 -4.03 12.57 27.76
N GLY B 137 -4.83 12.65 26.70
CA GLY B 137 -4.62 11.82 25.52
C GLY B 137 -4.85 10.35 25.85
N GLY B 138 -4.28 9.47 25.03
CA GLY B 138 -4.49 8.04 25.20
C GLY B 138 -3.98 7.25 24.02
N LYS B 139 -4.02 5.94 24.16
CA LYS B 139 -3.51 5.01 23.14
C LYS B 139 -4.52 3.92 22.85
N ILE B 140 -4.72 3.65 21.57
CA ILE B 140 -5.51 2.52 21.13
C ILE B 140 -4.64 1.71 20.21
N ILE B 141 -4.53 0.42 20.51
CA ILE B 141 -3.79 -0.51 19.67
C ILE B 141 -4.78 -1.57 19.19
N ASN B 142 -5.06 -1.56 17.90
CA ASN B 142 -5.87 -2.57 17.26
C ASN B 142 -4.99 -3.70 16.74
N ILE B 143 -5.59 -4.84 16.43
CA ILE B 143 -4.85 -6.01 16.03
C ILE B 143 -5.29 -6.35 14.62
N ALA B 144 -4.40 -6.10 13.68
CA ALA B 144 -4.60 -6.41 12.29
C ALA B 144 -4.08 -7.82 12.00
N SER B 145 -3.82 -8.14 10.73
CA SER B 145 -3.41 -9.48 10.31
C SER B 145 -2.62 -9.37 9.03
N MET B 146 -1.93 -10.45 8.66
CA MET B 146 -1.42 -10.57 7.30
C MET B 146 -2.60 -10.53 6.32
N LEU B 147 -3.77 -10.95 6.76
CA LEU B 147 -4.96 -10.91 5.92
C LEU B 147 -5.61 -9.52 5.89
N SER B 148 -4.95 -8.51 6.46
CA SER B 148 -5.28 -7.10 6.18
C SER B 148 -4.64 -6.67 4.86
N PHE B 149 -3.64 -7.42 4.43
CA PHE B 149 -2.83 -7.11 3.24
C PHE B 149 -3.02 -8.11 2.09
N GLN B 150 -3.20 -9.37 2.45
CA GLN B 150 -3.38 -10.47 1.53
C GLN B 150 -4.76 -11.07 1.76
N GLY B 151 -5.21 -11.89 0.83
CA GLY B 151 -6.58 -12.42 0.87
C GLY B 151 -6.81 -13.61 1.79
N GLY B 152 -5.87 -14.55 1.79
CA GLY B 152 -6.08 -15.82 2.49
C GLY B 152 -7.12 -16.67 1.78
N ILE B 153 -7.54 -17.75 2.42
CA ILE B 153 -8.59 -18.61 1.88
C ILE B 153 -9.45 -19.16 3.00
N ARG B 154 -10.72 -19.40 2.70
CA ARG B 154 -11.67 -20.03 3.61
C ARG B 154 -12.00 -19.19 4.85
N VAL B 155 -11.62 -17.90 4.86
CA VAL B 155 -11.90 -17.02 5.99
C VAL B 155 -12.40 -15.63 5.54
N PRO B 156 -13.39 -15.59 4.62
CA PRO B 156 -13.89 -14.28 4.12
C PRO B 156 -14.16 -13.21 5.18
N SER B 157 -14.83 -13.58 6.27
CA SER B 157 -15.22 -12.60 7.27
C SER B 157 -14.01 -12.14 8.10
N TYR B 158 -13.02 -13.03 8.23
CA TYR B 158 -11.78 -12.68 8.92
C TYR B 158 -11.00 -11.64 8.12
N THR B 159 -10.82 -11.92 6.84
CA THR B 159 -10.13 -11.02 5.91
C THR B 159 -10.87 -9.68 5.83
N ALA B 160 -12.20 -9.74 5.66
CA ALA B 160 -13.03 -8.53 5.70
C ALA B 160 -12.79 -7.73 6.97
N SER B 161 -12.94 -8.39 8.12
CA SER B 161 -12.83 -7.70 9.39
C SER B 161 -11.43 -7.14 9.60
N LYS B 162 -10.40 -7.89 9.23
CA LYS B 162 -9.01 -7.40 9.48
C LYS B 162 -8.56 -6.34 8.48
N SER B 163 -9.07 -6.41 7.25
CA SER B 163 -8.84 -5.32 6.30
C SER B 163 -9.57 -4.07 6.81
N ALA B 164 -10.80 -4.24 7.31
CA ALA B 164 -11.52 -3.15 7.93
C ALA B 164 -10.80 -2.54 9.14
N VAL B 165 -10.14 -3.37 9.96
CA VAL B 165 -9.43 -2.86 11.13
C VAL B 165 -8.36 -1.85 10.68
N MET B 166 -7.64 -2.20 9.62
CA MET B 166 -6.56 -1.33 9.14
C MET B 166 -7.12 0.01 8.67
N GLY B 167 -8.27 -0.02 8.00
CA GLY B 167 -8.94 1.20 7.56
C GLY B 167 -9.49 2.06 8.68
N VAL B 168 -10.24 1.46 9.60
CA VAL B 168 -10.83 2.24 10.68
C VAL B 168 -9.78 2.81 11.66
N THR B 169 -8.63 2.14 11.75
CA THR B 169 -7.49 2.68 12.47
C THR B 169 -7.07 4.02 11.90
N ARG B 170 -7.06 4.14 10.58
CA ARG B 170 -6.73 5.40 9.93
C ARG B 170 -7.74 6.50 10.29
N LEU B 171 -9.02 6.18 10.14
CA LEU B 171 -10.07 7.16 10.43
C LEU B 171 -10.11 7.62 11.90
N MET B 172 -9.95 6.68 12.83
CA MET B 172 -9.93 7.06 14.22
C MET B 172 -8.76 8.00 14.57
N ALA B 173 -7.57 7.73 14.01
CA ALA B 173 -6.46 8.66 14.15
C ALA B 173 -6.80 10.04 13.58
N ASN B 174 -7.37 10.05 12.40
CA ASN B 174 -7.71 11.31 11.75
C ASN B 174 -8.56 12.18 12.65
N GLU B 175 -9.54 11.58 13.33
CA GLU B 175 -10.47 12.37 14.13
C GLU B 175 -9.99 12.66 15.54
N TRP B 176 -9.20 11.76 16.13
CA TRP B 176 -8.85 11.87 17.55
C TRP B 176 -7.41 12.28 17.86
N ALA B 177 -6.56 12.33 16.83
CA ALA B 177 -5.16 12.64 17.04
C ALA B 177 -4.98 14.02 17.67
N LYS B 178 -5.90 14.93 17.36
CA LYS B 178 -5.83 16.30 17.90
C LYS B 178 -5.95 16.36 19.42
N HIS B 179 -6.51 15.30 20.02
CA HIS B 179 -6.62 15.20 21.47
C HIS B 179 -5.46 14.47 22.11
N GLY B 180 -4.42 14.16 21.35
CA GLY B 180 -3.31 13.40 21.88
C GLY B 180 -3.64 11.92 21.99
N ILE B 181 -4.62 11.48 21.22
CA ILE B 181 -4.96 10.05 21.11
C ILE B 181 -4.27 9.45 19.90
N ASN B 182 -3.50 8.40 20.14
CA ASN B 182 -2.85 7.65 19.08
C ASN B 182 -3.57 6.34 18.84
N VAL B 183 -4.06 6.13 17.63
CA VAL B 183 -4.71 4.89 17.24
C VAL B 183 -3.87 4.23 16.18
N ASN B 184 -3.26 3.10 16.55
CA ASN B 184 -2.40 2.35 15.64
C ASN B 184 -2.77 0.88 15.70
N ALA B 185 -2.15 0.08 14.84
CA ALA B 185 -2.42 -1.36 14.83
C ALA B 185 -1.12 -2.16 14.74
N ILE B 186 -1.17 -3.35 15.32
CA ILE B 186 -0.14 -4.35 15.15
C ILE B 186 -0.72 -5.43 14.26
N ALA B 187 0.00 -5.79 13.20
CA ALA B 187 -0.34 -6.95 12.37
C ALA B 187 0.65 -8.08 12.63
N PRO B 188 0.27 -9.03 13.50
CA PRO B 188 1.13 -10.19 13.71
C PRO B 188 1.25 -11.02 12.46
N GLY B 189 2.39 -11.67 12.26
CA GLY B 189 2.56 -12.62 11.18
C GLY B 189 2.01 -13.99 11.57
N TYR B 190 2.73 -15.02 11.15
CA TYR B 190 2.41 -16.39 11.55
C TYR B 190 3.03 -16.65 12.91
N MET B 191 2.19 -16.78 13.91
CA MET B 191 2.61 -16.89 15.29
C MET B 191 2.37 -18.31 15.77
N ALA B 192 3.18 -18.74 16.73
CA ALA B 192 2.99 -20.03 17.40
C ALA B 192 1.96 -19.80 18.50
N THR B 193 0.69 -20.00 18.15
CA THR B 193 -0.44 -19.53 18.94
C THR B 193 -1.76 -20.20 18.51
N SER B 206 3.46 -26.37 6.59
CA SER B 206 4.25 -25.88 7.70
C SER B 206 5.64 -25.42 7.24
N LYS B 207 6.36 -26.31 6.56
CA LYS B 207 7.64 -25.96 5.99
C LYS B 207 7.47 -24.95 4.85
N GLU B 208 6.40 -25.10 4.08
CA GLU B 208 6.06 -24.19 2.99
C GLU B 208 6.04 -22.75 3.49
N ILE B 209 5.39 -22.56 4.64
CA ILE B 209 5.20 -21.24 5.25
C ILE B 209 6.49 -20.71 5.87
N LEU B 210 7.17 -21.54 6.67
CA LEU B 210 8.45 -21.13 7.25
C LEU B 210 9.46 -20.67 6.23
N ASP B 211 9.51 -21.36 5.10
CA ASP B 211 10.46 -21.01 4.04
C ASP B 211 10.17 -19.66 3.40
N ARG B 212 8.96 -19.14 3.60
CA ARG B 212 8.58 -17.80 3.16
C ARG B 212 8.61 -16.74 4.28
N ILE B 213 8.98 -17.12 5.49
CA ILE B 213 9.26 -16.16 6.56
C ILE B 213 10.77 -15.91 6.60
N PRO B 214 11.23 -14.70 6.22
CA PRO B 214 12.67 -14.43 6.23
C PRO B 214 13.37 -14.74 7.56
N ALA B 215 12.72 -14.44 8.69
CA ALA B 215 13.27 -14.72 10.00
C ALA B 215 13.47 -16.21 10.25
N GLY B 216 12.74 -17.04 9.52
CA GLY B 216 12.92 -18.51 9.60
C GLY B 216 12.43 -19.11 10.90
N ARG B 217 11.47 -18.46 11.56
CA ARG B 217 10.83 -18.96 12.78
C ARG B 217 9.44 -18.37 12.90
N TRP B 218 8.56 -19.08 13.62
CA TRP B 218 7.25 -18.55 13.97
C TRP B 218 7.39 -17.38 14.95
N GLY B 219 6.44 -16.46 14.94
CA GLY B 219 6.42 -15.40 15.93
C GLY B 219 5.91 -15.93 17.24
N LEU B 220 6.29 -15.29 18.33
CA LEU B 220 5.84 -15.68 19.67
C LEU B 220 5.09 -14.54 20.35
N PRO B 221 4.23 -14.87 21.33
CA PRO B 221 3.63 -13.82 22.15
C PRO B 221 4.66 -12.76 22.62
N GLN B 222 5.85 -13.20 23.01
CA GLN B 222 6.87 -12.27 23.50
C GLN B 222 7.31 -11.27 22.45
N ASP B 223 7.23 -11.65 21.18
CA ASP B 223 7.56 -10.76 20.06
C ASP B 223 6.62 -9.56 19.97
N LEU B 224 5.44 -9.67 20.59
CA LEU B 224 4.48 -8.53 20.60
C LEU B 224 4.60 -7.64 21.83
N MET B 225 5.41 -8.02 22.81
CA MET B 225 5.57 -7.23 24.02
C MET B 225 6.21 -5.88 23.72
N GLY B 226 7.35 -5.90 23.04
CA GLY B 226 8.02 -4.65 22.71
C GLY B 226 7.19 -3.73 21.86
N PRO B 227 6.63 -4.25 20.76
CA PRO B 227 5.81 -3.40 19.85
C PRO B 227 4.58 -2.81 20.56
N SER B 228 3.95 -3.59 21.43
CA SER B 228 2.76 -3.11 22.14
C SER B 228 3.17 -2.04 23.18
N VAL B 229 4.24 -2.26 23.94
CA VAL B 229 4.71 -1.26 24.86
C VAL B 229 5.08 0.04 24.12
N PHE B 230 5.82 -0.08 23.02
CA PHE B 230 6.17 1.06 22.18
C PHE B 230 4.94 1.88 21.78
N LEU B 231 3.94 1.21 21.21
CA LEU B 231 2.74 1.91 20.72
C LEU B 231 1.84 2.40 21.86
N ALA B 232 2.03 1.90 23.07
CA ALA B 232 1.32 2.35 24.27
C ALA B 232 2.02 3.50 25.03
N SER B 233 3.17 3.95 24.52
CA SER B 233 4.07 4.83 25.24
C SER B 233 4.30 6.15 24.51
N SER B 234 4.93 7.08 25.24
CA SER B 234 5.35 8.38 24.72
C SER B 234 6.34 8.27 23.56
N ALA B 235 7.06 7.14 23.50
CA ALA B 235 8.06 6.92 22.46
C ALA B 235 7.50 6.85 21.04
N SER B 236 6.19 6.68 20.90
CA SER B 236 5.55 6.61 19.58
C SER B 236 4.54 7.74 19.36
N ASP B 237 4.73 8.87 20.05
CA ASP B 237 3.75 9.95 20.00
C ASP B 237 3.41 10.49 18.61
N TYR B 238 4.33 10.44 17.66
CA TYR B 238 4.08 10.96 16.29
C TYR B 238 3.76 9.85 15.28
N ILE B 239 3.45 8.66 15.79
CA ILE B 239 2.93 7.59 14.98
C ILE B 239 1.43 7.57 15.22
N ASN B 240 0.66 7.63 14.15
CA ASN B 240 -0.77 7.67 14.28
C ASN B 240 -1.48 7.14 13.03
N GLY B 241 -2.50 6.33 13.22
CA GLY B 241 -3.24 5.75 12.11
C GLY B 241 -2.55 4.63 11.34
N TYR B 242 -1.49 4.07 11.91
CA TYR B 242 -0.57 3.24 11.16
C TYR B 242 -0.59 1.81 11.68
N THR B 243 -0.40 0.88 10.76
CA THR B 243 -0.31 -0.55 11.06
C THR B 243 1.15 -1.02 10.90
N ILE B 244 1.67 -1.60 11.97
CA ILE B 244 3.04 -2.12 12.01
C ILE B 244 2.98 -3.65 11.99
N ALA B 245 3.59 -4.24 10.97
CA ALA B 245 3.69 -5.70 10.84
C ALA B 245 4.79 -6.24 11.74
N VAL B 246 4.44 -7.26 12.53
CA VAL B 246 5.39 -7.97 13.38
C VAL B 246 5.36 -9.41 12.89
N ASP B 247 6.07 -9.64 11.79
CA ASP B 247 5.83 -10.78 10.92
C ASP B 247 7.09 -11.50 10.45
N GLY B 248 8.26 -11.15 10.99
CA GLY B 248 9.49 -11.82 10.63
C GLY B 248 9.87 -11.63 9.18
N GLY B 249 9.32 -10.61 8.55
CA GLY B 249 9.56 -10.35 7.13
C GLY B 249 8.55 -10.92 6.14
N TRP B 250 7.46 -11.50 6.63
CA TRP B 250 6.49 -12.16 5.74
C TRP B 250 6.06 -11.27 4.58
N LEU B 251 5.68 -10.04 4.88
CA LEU B 251 5.17 -9.15 3.82
C LEU B 251 6.28 -8.71 2.86
N ALA B 252 7.53 -8.75 3.32
CA ALA B 252 8.68 -8.36 2.49
C ALA B 252 8.95 -9.36 1.40
N ARG B 253 8.61 -10.61 1.64
CA ARG B 253 9.06 -11.70 0.78
C ARG B 253 8.27 -11.71 -0.54
N MET C 1 -20.18 5.19 -28.17
CA MET C 1 -20.11 3.72 -27.96
C MET C 1 -18.76 3.35 -27.37
N ILE C 2 -18.79 2.72 -26.20
CA ILE C 2 -17.59 2.51 -25.39
C ILE C 2 -16.49 1.69 -26.09
N LEU C 3 -16.86 0.77 -26.97
CA LEU C 3 -15.84 -0.03 -27.67
C LEU C 3 -14.91 0.85 -28.51
N ASN C 4 -15.41 1.98 -29.01
CA ASN C 4 -14.59 2.95 -29.73
C ASN C 4 -13.49 3.56 -28.86
N SER C 5 -13.71 3.59 -27.55
CA SER C 5 -12.74 4.13 -26.60
C SER C 5 -11.44 3.33 -26.54
N PHE C 6 -11.52 2.05 -26.88
CA PHE C 6 -10.34 1.19 -26.90
C PHE C 6 -9.59 1.26 -28.23
N ASP C 7 -10.23 1.81 -29.25
CA ASP C 7 -9.68 1.81 -30.61
C ASP C 7 -8.55 2.83 -30.76
N LEU C 8 -7.36 2.35 -31.10
CA LEU C 8 -6.17 3.20 -31.22
C LEU C 8 -5.86 3.52 -32.67
N GLN C 9 -6.91 3.56 -33.50
CA GLN C 9 -6.75 3.91 -34.91
C GLN C 9 -6.09 5.28 -35.03
N GLY C 10 -5.09 5.38 -35.89
CA GLY C 10 -4.36 6.63 -36.11
C GLY C 10 -3.39 7.06 -35.02
N LYS C 11 -3.11 6.16 -34.08
CA LYS C 11 -2.18 6.46 -32.98
C LYS C 11 -0.77 5.98 -33.29
N VAL C 12 0.20 6.60 -32.64
CA VAL C 12 1.62 6.27 -32.82
C VAL C 12 2.15 5.92 -31.44
N ALA C 13 2.70 4.71 -31.32
CA ALA C 13 3.18 4.21 -30.02
C ALA C 13 4.65 3.85 -30.11
N LEU C 14 5.45 4.42 -29.22
CA LEU C 14 6.86 4.14 -29.16
C LEU C 14 7.08 3.14 -28.02
N ILE C 15 7.61 1.96 -28.34
CA ILE C 15 7.83 0.91 -27.35
C ILE C 15 9.31 0.55 -27.33
N THR C 16 9.96 0.78 -26.20
CA THR C 16 11.34 0.39 -26.04
C THR C 16 11.39 -1.08 -25.63
N GLY C 17 12.38 -1.81 -26.15
CA GLY C 17 12.57 -3.22 -25.82
C GLY C 17 11.37 -4.06 -26.24
N CYS C 18 11.16 -4.21 -27.54
CA CYS C 18 10.01 -4.98 -28.03
C CYS C 18 10.38 -6.07 -29.06
N ASP C 19 11.66 -6.48 -29.07
CA ASP C 19 12.12 -7.54 -29.96
C ASP C 19 11.65 -8.92 -29.53
N THR C 20 11.32 -9.08 -28.24
CA THR C 20 10.86 -10.38 -27.74
C THR C 20 9.93 -10.25 -26.53
N GLY C 21 9.34 -11.38 -26.15
CA GLY C 21 8.56 -11.52 -24.93
C GLY C 21 7.53 -10.43 -24.65
N LEU C 22 7.67 -9.79 -23.48
CA LEU C 22 6.62 -8.89 -23.02
C LEU C 22 6.49 -7.69 -23.92
N GLY C 23 7.60 -7.09 -24.29
CA GLY C 23 7.60 -5.89 -25.12
C GLY C 23 7.07 -6.15 -26.52
N GLN C 24 7.45 -7.29 -27.08
CA GLN C 24 6.86 -7.75 -28.34
C GLN C 24 5.34 -7.91 -28.21
N GLY C 25 4.89 -8.61 -27.17
CA GLY C 25 3.49 -8.76 -26.90
C GLY C 25 2.77 -7.43 -26.86
N MET C 26 3.33 -6.46 -26.16
CA MET C 26 2.69 -5.15 -26.07
C MET C 26 2.72 -4.38 -27.38
N ALA C 27 3.83 -4.46 -28.12
CA ALA C 27 3.91 -3.80 -29.44
C ALA C 27 2.89 -4.37 -30.41
N ILE C 28 2.79 -5.70 -30.48
CA ILE C 28 1.83 -6.38 -31.33
C ILE C 28 0.40 -6.06 -30.89
N GLY C 29 0.16 -6.08 -29.58
CA GLY C 29 -1.15 -5.71 -29.03
C GLY C 29 -1.59 -4.31 -29.44
N LEU C 30 -0.70 -3.33 -29.33
CA LEU C 30 -1.02 -1.95 -29.70
C LEU C 30 -1.23 -1.79 -31.22
N ALA C 31 -0.45 -2.51 -32.00
CA ALA C 31 -0.61 -2.54 -33.47
C ALA C 31 -1.96 -3.14 -33.84
N GLN C 32 -2.30 -4.28 -33.24
CA GLN C 32 -3.61 -4.91 -33.47
C GLN C 32 -4.77 -3.96 -33.18
N ALA C 33 -4.58 -3.05 -32.22
CA ALA C 33 -5.59 -2.07 -31.86
C ALA C 33 -5.58 -0.82 -32.75
N GLY C 34 -4.60 -0.71 -33.64
CA GLY C 34 -4.56 0.38 -34.62
C GLY C 34 -3.30 1.21 -34.66
N CYS C 35 -2.37 0.99 -33.72
CA CYS C 35 -1.18 1.81 -33.63
C CYS C 35 -0.15 1.51 -34.70
N ASP C 36 0.43 2.56 -35.26
CA ASP C 36 1.74 2.44 -35.89
C ASP C 36 2.76 2.42 -34.75
N ILE C 37 3.88 1.77 -34.99
CA ILE C 37 4.85 1.46 -33.95
C ILE C 37 6.22 2.04 -34.25
N VAL C 38 6.82 2.66 -33.26
CA VAL C 38 8.22 2.99 -33.27
C VAL C 38 8.85 2.09 -32.22
N GLY C 39 9.83 1.31 -32.63
CA GLY C 39 10.59 0.47 -31.71
C GLY C 39 11.94 1.08 -31.44
N VAL C 40 12.39 0.96 -30.20
CA VAL C 40 13.77 1.26 -29.86
C VAL C 40 14.36 0.01 -29.19
N ASN C 41 15.36 -0.59 -29.85
CA ASN C 41 15.94 -1.86 -29.43
C ASN C 41 17.44 -1.88 -29.63
N ILE C 42 18.09 -2.81 -28.94
CA ILE C 42 19.52 -3.07 -29.14
C ILE C 42 19.72 -4.26 -30.08
N VAL C 43 18.67 -5.07 -30.23
CA VAL C 43 18.63 -6.18 -31.18
C VAL C 43 17.56 -5.85 -32.21
N GLU C 44 17.85 -6.10 -33.49
CA GLU C 44 16.87 -5.84 -34.55
C GLU C 44 15.62 -6.72 -34.33
N PRO C 45 14.43 -6.10 -34.27
CA PRO C 45 13.21 -6.83 -33.92
C PRO C 45 12.49 -7.37 -35.16
N LYS C 46 13.13 -8.29 -35.86
CA LYS C 46 12.60 -8.79 -37.14
C LYS C 46 11.25 -9.49 -36.99
N ASP C 47 11.17 -10.41 -36.04
CA ASP C 47 9.92 -11.15 -35.79
C ASP C 47 8.77 -10.20 -35.44
N THR C 48 9.07 -9.20 -34.61
CA THR C 48 8.07 -8.18 -34.26
C THR C 48 7.66 -7.37 -35.48
N ILE C 49 8.65 -6.87 -36.22
CA ILE C 49 8.42 -6.11 -37.46
C ILE C 49 7.54 -6.90 -38.44
N GLU C 50 7.87 -8.16 -38.66
CA GLU C 50 7.07 -9.03 -39.52
C GLU C 50 5.62 -9.10 -39.04
N LYS C 51 5.43 -9.36 -37.75
CA LYS C 51 4.08 -9.49 -37.18
C LYS C 51 3.30 -8.16 -37.18
N VAL C 52 3.99 -7.05 -36.97
CA VAL C 52 3.36 -5.73 -36.97
C VAL C 52 2.95 -5.33 -38.38
N THR C 53 3.89 -5.42 -39.33
CA THR C 53 3.61 -5.07 -40.74
C THR C 53 2.58 -6.02 -41.38
N ALA C 54 2.51 -7.26 -40.91
CA ALA C 54 1.51 -8.22 -41.37
C ALA C 54 0.08 -7.78 -41.02
N LEU C 55 -0.05 -6.95 -39.99
CA LEU C 55 -1.35 -6.38 -39.62
C LEU C 55 -1.69 -5.15 -40.48
N GLY C 56 -0.74 -4.67 -41.29
CA GLY C 56 -0.97 -3.50 -42.13
C GLY C 56 -0.57 -2.19 -41.46
N ARG C 57 0.16 -2.29 -40.34
CA ARG C 57 0.65 -1.11 -39.63
C ARG C 57 2.12 -0.88 -39.96
N ARG C 58 2.59 0.33 -39.74
CA ARG C 58 3.99 0.67 -39.96
C ARG C 58 4.84 0.40 -38.73
N PHE C 59 6.11 0.07 -38.96
CA PHE C 59 7.09 -0.10 -37.89
C PHE C 59 8.35 0.68 -38.24
N LEU C 60 8.64 1.72 -37.46
CA LEU C 60 9.93 2.38 -37.57
C LEU C 60 10.84 1.70 -36.57
N SER C 61 11.96 1.16 -37.05
CA SER C 61 12.84 0.37 -36.21
C SER C 61 14.10 1.16 -35.90
N LEU C 62 14.17 1.68 -34.67
CA LEU C 62 15.32 2.45 -34.25
C LEU C 62 16.23 1.58 -33.40
N THR C 63 17.53 1.72 -33.60
CA THR C 63 18.51 0.96 -32.84
C THR C 63 19.29 1.93 -31.96
N ALA C 64 19.25 1.68 -30.65
CA ALA C 64 19.96 2.52 -29.69
C ALA C 64 19.98 1.89 -28.31
N ASP C 65 21.00 2.26 -27.53
CA ASP C 65 21.10 1.91 -26.13
C ASP C 65 20.28 2.93 -25.35
N MET C 66 19.17 2.49 -24.78
CA MET C 66 18.26 3.38 -24.07
C MET C 66 18.87 4.01 -22.82
N SER C 67 19.91 3.39 -22.27
CA SER C 67 20.64 3.99 -21.14
C SER C 67 21.37 5.29 -21.45
N ASN C 68 21.64 5.55 -22.73
CA ASN C 68 22.27 6.80 -23.12
C ASN C 68 21.22 7.91 -23.22
N VAL C 69 21.04 8.67 -22.15
CA VAL C 69 19.95 9.65 -22.09
C VAL C 69 20.13 10.82 -23.07
N SER C 70 21.38 11.12 -23.43
CA SER C 70 21.65 12.19 -24.41
C SER C 70 21.07 11.82 -25.77
N GLY C 71 20.89 10.53 -26.00
CA GLY C 71 20.38 10.02 -27.28
C GLY C 71 18.89 10.08 -27.48
N HIS C 72 18.13 10.32 -26.41
CA HIS C 72 16.67 10.22 -26.45
C HIS C 72 15.97 11.22 -27.34
N ALA C 73 16.42 12.48 -27.29
CA ALA C 73 15.80 13.55 -28.04
C ALA C 73 15.72 13.21 -29.53
N GLU C 74 16.81 12.68 -30.07
CA GLU C 74 16.86 12.33 -31.49
C GLU C 74 15.91 11.19 -31.84
N LEU C 75 15.81 10.20 -30.96
CA LEU C 75 14.92 9.06 -31.20
C LEU C 75 13.50 9.55 -31.39
N VAL C 76 13.10 10.46 -30.51
CA VAL C 76 11.76 11.01 -30.56
C VAL C 76 11.57 11.95 -31.77
N GLU C 77 12.60 12.71 -32.12
CA GLU C 77 12.57 13.56 -33.32
C GLU C 77 12.34 12.72 -34.58
N LYS C 78 13.03 11.59 -34.67
CA LYS C 78 12.86 10.70 -35.83
C LYS C 78 11.42 10.16 -35.92
N ALA C 79 10.88 9.73 -34.79
CA ALA C 79 9.52 9.24 -34.71
C ALA C 79 8.52 10.31 -35.18
N VAL C 80 8.73 11.54 -34.73
CA VAL C 80 7.86 12.66 -35.06
C VAL C 80 7.95 13.01 -36.55
N ALA C 81 9.16 12.94 -37.09
CA ALA C 81 9.36 13.16 -38.53
C ALA C 81 8.61 12.10 -39.34
N GLU C 82 8.75 10.85 -38.93
CA GLU C 82 8.22 9.73 -39.69
C GLU C 82 6.71 9.59 -39.62
N PHE C 83 6.12 9.95 -38.48
CA PHE C 83 4.68 9.80 -38.29
C PHE C 83 3.89 11.09 -38.06
N GLY C 84 4.59 12.19 -37.78
CA GLY C 84 3.94 13.47 -37.52
C GLY C 84 3.69 13.74 -36.05
N HIS C 85 3.66 12.70 -35.24
CA HIS C 85 3.31 12.81 -33.82
C HIS C 85 3.66 11.51 -33.11
N VAL C 86 3.80 11.59 -31.79
CA VAL C 86 3.93 10.42 -30.93
C VAL C 86 2.87 10.56 -29.85
N ASP C 87 2.09 9.50 -29.65
CA ASP C 87 0.93 9.54 -28.76
C ASP C 87 1.06 8.69 -27.50
N ILE C 88 1.84 7.63 -27.59
CA ILE C 88 1.92 6.61 -26.54
C ILE C 88 3.40 6.24 -26.38
N LEU C 89 3.84 6.09 -25.13
CA LEU C 89 5.17 5.60 -24.80
C LEU C 89 5.07 4.40 -23.86
N VAL C 90 5.76 3.31 -24.18
CA VAL C 90 5.85 2.15 -23.28
C VAL C 90 7.32 1.92 -22.94
N ASN C 91 7.67 2.11 -21.67
CA ASN C 91 9.06 2.06 -21.23
C ASN C 91 9.40 0.67 -20.76
N ASN C 92 9.51 -0.25 -21.70
CA ASN C 92 9.71 -1.65 -21.38
C ASN C 92 11.18 -2.09 -21.38
N ALA C 93 12.07 -1.37 -22.06
CA ALA C 93 13.49 -1.73 -22.06
C ALA C 93 14.01 -1.82 -20.63
N GLY C 94 14.54 -2.99 -20.27
CA GLY C 94 15.02 -3.24 -18.93
C GLY C 94 15.88 -4.47 -18.83
N ILE C 95 16.59 -4.60 -17.71
CA ILE C 95 17.43 -5.76 -17.46
C ILE C 95 17.30 -6.19 -16.01
N ILE C 96 17.87 -7.35 -15.68
CA ILE C 96 17.93 -7.84 -14.31
C ILE C 96 19.30 -8.49 -14.12
N ARG C 97 19.86 -8.34 -12.93
CA ARG C 97 21.14 -8.96 -12.57
C ARG C 97 20.98 -9.65 -11.23
N ARG C 98 21.28 -10.96 -11.21
CA ARG C 98 21.15 -11.75 -10.00
C ARG C 98 22.50 -12.03 -9.35
N GLU C 99 22.61 -11.68 -8.08
CA GLU C 99 23.81 -11.89 -7.28
C GLU C 99 23.40 -11.69 -5.81
N ASP C 100 23.95 -12.49 -4.90
CA ASP C 100 23.65 -12.35 -3.49
C ASP C 100 23.79 -10.88 -3.09
N ALA C 101 22.82 -10.33 -2.37
CA ALA C 101 22.93 -8.94 -1.93
C ALA C 101 24.26 -8.62 -1.25
N ILE C 102 24.76 -9.57 -0.44
CA ILE C 102 25.96 -9.34 0.34
C ILE C 102 27.20 -9.22 -0.57
N GLU C 103 27.14 -9.78 -1.78
CA GLU C 103 28.25 -9.71 -2.75
C GLU C 103 27.98 -8.74 -3.89
N PHE C 104 26.78 -8.18 -3.98
CA PHE C 104 26.31 -7.41 -5.14
C PHE C 104 27.33 -6.36 -5.59
N SER C 105 27.66 -6.38 -6.89
CA SER C 105 28.66 -5.49 -7.41
C SER C 105 28.07 -4.14 -7.79
N GLU C 106 28.94 -3.14 -7.86
CA GLU C 106 28.55 -1.81 -8.31
C GLU C 106 28.12 -1.82 -9.76
N LYS C 107 28.77 -2.65 -10.59
CA LYS C 107 28.36 -2.76 -11.98
C LYS C 107 26.94 -3.29 -12.08
N ASN C 108 26.61 -4.33 -11.30
CA ASN C 108 25.27 -4.89 -11.32
C ASN C 108 24.22 -3.94 -10.74
N TRP C 109 24.68 -2.98 -9.94
CA TRP C 109 23.79 -1.89 -9.50
C TRP C 109 23.57 -0.88 -10.63
N ASP C 110 24.67 -0.28 -11.09
CA ASP C 110 24.60 0.80 -12.06
C ASP C 110 23.90 0.40 -13.36
N ASP C 111 24.25 -0.76 -13.92
CA ASP C 111 23.69 -1.13 -15.21
C ASP C 111 22.17 -1.21 -15.16
N VAL C 112 21.64 -1.78 -14.07
CA VAL C 112 20.21 -2.00 -13.90
C VAL C 112 19.50 -0.69 -13.61
N MET C 113 20.04 0.11 -12.72
CA MET C 113 19.43 1.40 -12.40
C MET C 113 19.46 2.33 -13.60
N ASN C 114 20.60 2.42 -14.29
CA ASN C 114 20.69 3.26 -15.48
C ASN C 114 19.57 2.99 -16.49
N LEU C 115 19.25 1.71 -16.70
CA LEU C 115 18.22 1.35 -17.68
C LEU C 115 16.81 1.36 -17.09
N ASN C 116 16.63 0.68 -15.97
CA ASN C 116 15.29 0.39 -15.47
C ASN C 116 14.59 1.58 -14.81
N ILE C 117 15.33 2.56 -14.33
CA ILE C 117 14.70 3.77 -13.74
C ILE C 117 15.21 5.08 -14.33
N LYS C 118 16.53 5.28 -14.40
CA LYS C 118 17.06 6.53 -14.91
C LYS C 118 16.59 6.75 -16.36
N SER C 119 16.80 5.78 -17.22
CA SER C 119 16.41 6.01 -18.62
C SER C 119 14.89 6.09 -18.76
N VAL C 120 14.14 5.40 -17.89
CA VAL C 120 12.68 5.49 -17.89
C VAL C 120 12.24 6.92 -17.58
N PHE C 121 12.82 7.53 -16.55
CA PHE C 121 12.46 8.91 -16.26
C PHE C 121 12.79 9.83 -17.44
N PHE C 122 14.03 9.75 -17.91
CA PHE C 122 14.48 10.68 -18.95
C PHE C 122 13.79 10.48 -20.30
N MET C 123 13.43 9.24 -20.65
CA MET C 123 12.64 8.99 -21.86
C MET C 123 11.23 9.54 -21.71
N SER C 124 10.63 9.35 -20.53
CA SER C 124 9.33 9.92 -20.23
C SER C 124 9.36 11.45 -20.35
N GLN C 125 10.41 12.06 -19.81
CA GLN C 125 10.58 13.50 -19.90
C GLN C 125 10.65 13.94 -21.35
N THR C 126 11.49 13.25 -22.12
CA THR C 126 11.68 13.55 -23.54
C THR C 126 10.38 13.47 -24.32
N VAL C 127 9.63 12.40 -24.11
CA VAL C 127 8.35 12.23 -24.81
C VAL C 127 7.29 13.23 -24.30
N ALA C 128 7.26 13.48 -23.00
CA ALA C 128 6.34 14.47 -22.44
C ALA C 128 6.54 15.85 -23.07
N ARG C 129 7.80 16.23 -23.32
CA ARG C 129 8.07 17.50 -24.00
C ARG C 129 7.38 17.52 -25.37
N GLN C 130 7.46 16.41 -26.08
CA GLN C 130 6.77 16.28 -27.38
C GLN C 130 5.24 16.29 -27.23
N PHE C 131 4.70 15.60 -26.23
CA PHE C 131 3.27 15.67 -25.96
C PHE C 131 2.81 17.11 -25.74
N ILE C 132 3.58 17.86 -24.97
CA ILE C 132 3.19 19.25 -24.66
C ILE C 132 3.20 20.10 -25.92
N LYS C 133 4.23 19.94 -26.75
CA LYS C 133 4.34 20.67 -28.01
C LYS C 133 3.14 20.38 -28.89
N GLN C 134 2.76 19.11 -28.97
CA GLN C 134 1.60 18.68 -29.75
C GLN C 134 0.29 19.26 -29.24
N GLY C 135 0.16 19.32 -27.92
CA GLY C 135 -0.99 19.97 -27.27
C GLY C 135 -2.23 19.10 -27.18
N LYS C 136 -2.10 17.82 -27.47
CA LYS C 136 -3.26 16.90 -27.45
C LYS C 136 -3.15 15.83 -26.37
N GLY C 137 -2.19 16.00 -25.47
CA GLY C 137 -1.99 15.06 -24.38
C GLY C 137 -1.18 13.86 -24.83
N GLY C 138 -1.23 12.80 -24.05
CA GLY C 138 -0.44 11.63 -24.33
C GLY C 138 -0.56 10.58 -23.24
N LYS C 139 -0.03 9.41 -23.54
CA LYS C 139 -0.09 8.27 -22.64
C LYS C 139 1.32 7.73 -22.43
N ILE C 140 1.66 7.47 -21.16
CA ILE C 140 2.89 6.76 -20.84
C ILE C 140 2.52 5.54 -20.01
N ILE C 141 3.11 4.41 -20.36
CA ILE C 141 2.94 3.16 -19.65
C ILE C 141 4.32 2.68 -19.22
N ASN C 142 4.58 2.75 -17.93
CA ASN C 142 5.78 2.18 -17.37
C ASN C 142 5.56 0.72 -16.99
N ILE C 143 6.64 -0.02 -16.82
CA ILE C 143 6.57 -1.44 -16.50
C ILE C 143 7.17 -1.61 -15.11
N ALA C 144 6.29 -1.92 -14.16
CA ALA C 144 6.68 -2.18 -12.79
C ALA C 144 6.89 -3.69 -12.67
N SER C 145 6.71 -4.24 -11.46
CA SER C 145 7.00 -5.64 -11.17
C SER C 145 6.32 -6.06 -9.87
N MET C 146 6.20 -7.35 -9.63
CA MET C 146 5.86 -7.82 -8.29
C MET C 146 6.89 -7.27 -7.30
N LEU C 147 8.13 -7.06 -7.78
CA LEU C 147 9.19 -6.53 -6.92
C LEU C 147 9.11 -5.02 -6.74
N SER C 148 8.01 -4.42 -7.21
CA SER C 148 7.59 -3.07 -6.76
C SER C 148 6.82 -3.12 -5.45
N PHE C 149 6.31 -4.31 -5.11
CA PHE C 149 5.45 -4.55 -3.95
C PHE C 149 6.17 -5.39 -2.89
N GLN C 150 6.93 -6.38 -3.35
CA GLN C 150 7.65 -7.32 -2.49
C GLN C 150 9.14 -7.17 -2.75
N GLY C 151 9.99 -7.69 -1.88
CA GLY C 151 11.44 -7.47 -2.00
C GLY C 151 12.14 -8.41 -2.96
N GLY C 152 11.71 -9.67 -3.00
CA GLY C 152 12.45 -10.67 -3.75
C GLY C 152 13.80 -10.93 -3.10
N ILE C 153 14.65 -11.65 -3.83
CA ILE C 153 16.01 -11.93 -3.37
C ILE C 153 16.99 -11.86 -4.55
N ARG C 154 18.22 -11.47 -4.24
CA ARG C 154 19.36 -11.51 -5.15
C ARG C 154 19.29 -10.49 -6.30
N VAL C 155 18.35 -9.56 -6.20
CA VAL C 155 18.17 -8.56 -7.25
C VAL C 155 17.97 -7.14 -6.67
N PRO C 156 18.87 -6.71 -5.78
CA PRO C 156 18.65 -5.41 -5.14
C PRO C 156 18.45 -4.26 -6.11
N SER C 157 19.25 -4.13 -7.17
CA SER C 157 19.05 -3.04 -8.13
C SER C 157 17.74 -3.16 -8.92
N TYR C 158 17.28 -4.38 -9.17
CA TYR C 158 16.01 -4.58 -9.86
C TYR C 158 14.83 -4.15 -8.95
N THR C 159 14.86 -4.60 -7.70
CA THR C 159 13.84 -4.20 -6.74
C THR C 159 13.83 -2.67 -6.54
N ALA C 160 15.02 -2.11 -6.38
CA ALA C 160 15.14 -0.67 -6.23
C ALA C 160 14.55 0.06 -7.46
N SER C 161 14.99 -0.33 -8.66
CA SER C 161 14.50 0.34 -9.85
C SER C 161 12.98 0.18 -10.05
N LYS C 162 12.45 -0.99 -9.79
CA LYS C 162 11.03 -1.24 -10.02
C LYS C 162 10.15 -0.61 -8.96
N SER C 163 10.65 -0.53 -7.73
CA SER C 163 9.95 0.22 -6.70
C SER C 163 9.95 1.69 -7.06
N ALA C 164 11.09 2.18 -7.55
CA ALA C 164 11.22 3.54 -8.03
C ALA C 164 10.27 3.82 -9.19
N VAL C 165 10.06 2.85 -10.09
CA VAL C 165 9.19 3.06 -11.24
C VAL C 165 7.78 3.36 -10.72
N MET C 166 7.31 2.59 -9.74
CA MET C 166 5.98 2.77 -9.21
C MET C 166 5.84 4.18 -8.60
N GLY C 167 6.85 4.61 -7.86
CA GLY C 167 6.82 5.94 -7.26
C GLY C 167 6.89 7.10 -8.25
N VAL C 168 7.83 7.04 -9.18
CA VAL C 168 7.96 8.11 -10.18
C VAL C 168 6.75 8.17 -11.12
N THR C 169 6.07 7.05 -11.31
CA THR C 169 4.80 7.06 -12.07
C THR C 169 3.80 8.00 -11.38
N ARG C 170 3.73 7.94 -10.06
CA ARG C 170 2.85 8.82 -9.30
C ARG C 170 3.21 10.27 -9.52
N LEU C 171 4.49 10.61 -9.41
CA LEU C 171 4.93 11.99 -9.52
C LEU C 171 4.63 12.52 -10.92
N MET C 172 4.91 11.71 -11.94
CA MET C 172 4.70 12.14 -13.32
C MET C 172 3.23 12.43 -13.58
N ALA C 173 2.35 11.58 -13.08
CA ALA C 173 0.92 11.85 -13.15
C ALA C 173 0.58 13.16 -12.46
N ASN C 174 1.07 13.35 -11.23
CA ASN C 174 0.75 14.57 -10.49
C ASN C 174 1.09 15.82 -11.25
N GLU C 175 2.29 15.80 -11.84
CA GLU C 175 2.88 16.99 -12.39
C GLU C 175 2.41 17.25 -13.82
N TRP C 176 2.13 16.19 -14.57
CA TRP C 176 1.86 16.30 -16.02
C TRP C 176 0.38 16.11 -16.40
N ALA C 177 -0.49 15.76 -15.44
CA ALA C 177 -1.92 15.67 -15.71
C ALA C 177 -2.45 16.96 -16.34
N LYS C 178 -1.90 18.09 -15.91
CA LYS C 178 -2.30 19.39 -16.44
C LYS C 178 -2.02 19.52 -17.94
N HIS C 179 -1.13 18.67 -18.46
CA HIS C 179 -0.83 18.67 -19.90
C HIS C 179 -1.67 17.63 -20.67
N GLY C 180 -2.69 17.04 -20.03
CA GLY C 180 -3.50 15.99 -20.63
C GLY C 180 -2.77 14.66 -20.76
N ILE C 181 -1.76 14.45 -19.92
CA ILE C 181 -0.89 13.28 -20.00
C ILE C 181 -1.28 12.30 -18.91
N ASN C 182 -1.55 11.04 -19.28
CA ASN C 182 -1.70 9.97 -18.29
C ASN C 182 -0.40 9.20 -18.19
N VAL C 183 0.05 8.96 -16.96
CA VAL C 183 1.18 8.08 -16.72
C VAL C 183 0.78 7.02 -15.72
N ASN C 184 0.79 5.78 -16.18
CA ASN C 184 0.39 4.63 -15.38
C ASN C 184 1.43 3.55 -15.58
N ALA C 185 1.30 2.48 -14.82
CA ALA C 185 2.24 1.37 -14.95
C ALA C 185 1.52 0.03 -14.96
N ILE C 186 2.11 -0.93 -15.68
CA ILE C 186 1.74 -2.33 -15.60
C ILE C 186 2.79 -3.10 -14.78
N ALA C 187 2.32 -3.85 -13.78
CA ALA C 187 3.18 -4.76 -13.03
C ALA C 187 2.86 -6.21 -13.44
N PRO C 188 3.66 -6.76 -14.36
CA PRO C 188 3.45 -8.16 -14.72
C PRO C 188 3.76 -9.06 -13.54
N GLY C 189 3.08 -10.20 -13.45
CA GLY C 189 3.44 -11.23 -12.48
C GLY C 189 4.63 -12.05 -12.95
N TYR C 190 4.59 -13.34 -12.68
CA TYR C 190 5.63 -14.26 -13.12
C TYR C 190 5.24 -14.79 -14.50
N MET C 191 5.96 -14.34 -15.51
CA MET C 191 5.60 -14.58 -16.91
C MET C 191 6.57 -15.57 -17.54
N ALA C 192 6.05 -16.43 -18.41
CA ALA C 192 6.89 -17.36 -19.17
C ALA C 192 7.67 -16.58 -20.22
N THR C 193 8.88 -16.20 -19.87
CA THR C 193 9.73 -15.36 -20.71
C THR C 193 11.19 -15.55 -20.25
N ASN C 194 12.15 -15.09 -21.05
CA ASN C 194 13.57 -15.17 -20.72
C ASN C 194 13.90 -14.75 -19.29
N ILE C 209 6.56 -21.37 -7.08
CA ILE C 209 6.01 -20.14 -7.61
C ILE C 209 4.63 -20.40 -8.23
N LEU C 210 4.55 -21.41 -9.09
CA LEU C 210 3.32 -21.74 -9.82
C LEU C 210 2.12 -22.03 -8.92
N ASP C 211 2.37 -22.61 -7.74
CA ASP C 211 1.29 -22.95 -6.80
C ASP C 211 0.81 -21.73 -6.02
N ARG C 212 1.64 -20.68 -6.00
CA ARG C 212 1.30 -19.41 -5.37
C ARG C 212 0.62 -18.43 -6.35
N ILE C 213 0.34 -18.89 -7.56
CA ILE C 213 -0.41 -18.11 -8.53
C ILE C 213 -1.84 -18.66 -8.58
N PRO C 214 -2.82 -17.90 -8.06
CA PRO C 214 -4.20 -18.37 -8.09
C PRO C 214 -4.67 -18.81 -9.47
N ALA C 215 -4.23 -18.10 -10.52
CA ALA C 215 -4.56 -18.48 -11.90
C ALA C 215 -4.03 -19.87 -12.30
N GLY C 216 -3.10 -20.41 -11.52
CA GLY C 216 -2.56 -21.74 -11.77
C GLY C 216 -1.66 -21.84 -13.00
N ARG C 217 -1.30 -20.70 -13.59
CA ARG C 217 -0.44 -20.70 -14.76
C ARG C 217 0.52 -19.53 -14.75
N TRP C 218 1.63 -19.70 -15.46
CA TRP C 218 2.52 -18.58 -15.77
C TRP C 218 1.76 -17.61 -16.64
N GLY C 219 2.11 -16.33 -16.55
CA GLY C 219 1.58 -15.34 -17.46
C GLY C 219 2.32 -15.40 -18.76
N LEU C 220 1.77 -14.75 -19.78
CA LEU C 220 2.35 -14.75 -21.12
C LEU C 220 2.29 -13.33 -21.70
N PRO C 221 3.12 -13.04 -22.72
CA PRO C 221 3.09 -11.74 -23.38
C PRO C 221 1.69 -11.32 -23.82
N GLN C 222 0.91 -12.32 -24.24
CA GLN C 222 -0.48 -12.12 -24.65
C GLN C 222 -1.31 -11.48 -23.53
N ASP C 223 -1.04 -11.86 -22.28
CA ASP C 223 -1.75 -11.30 -21.13
C ASP C 223 -1.57 -9.77 -20.96
N LEU C 224 -0.53 -9.19 -21.55
CA LEU C 224 -0.28 -7.73 -21.47
C LEU C 224 -0.88 -6.94 -22.64
N MET C 225 -1.43 -7.61 -23.63
CA MET C 225 -1.98 -6.90 -24.80
C MET C 225 -3.21 -6.06 -24.41
N GLY C 226 -4.16 -6.67 -23.72
CA GLY C 226 -5.37 -5.98 -23.30
C GLY C 226 -5.11 -4.83 -22.35
N PRO C 227 -4.43 -5.10 -21.23
CA PRO C 227 -4.13 -4.00 -20.29
C PRO C 227 -3.30 -2.85 -20.89
N SER C 228 -2.42 -3.14 -21.85
CA SER C 228 -1.61 -2.10 -22.47
C SER C 228 -2.44 -1.25 -23.42
N VAL C 229 -3.33 -1.89 -24.19
CA VAL C 229 -4.25 -1.13 -25.04
C VAL C 229 -5.17 -0.28 -24.18
N PHE C 230 -5.71 -0.87 -23.12
CA PHE C 230 -6.56 -0.17 -22.15
C PHE C 230 -5.89 1.10 -21.65
N LEU C 231 -4.67 0.96 -21.14
CA LEU C 231 -3.94 2.11 -20.58
C LEU C 231 -3.43 3.10 -21.62
N ALA C 232 -3.37 2.66 -22.88
CA ALA C 232 -2.98 3.53 -23.99
C ALA C 232 -4.17 4.25 -24.62
N SER C 233 -5.37 3.95 -24.17
CA SER C 233 -6.58 4.43 -24.84
C SER C 233 -7.38 5.42 -24.02
N SER C 234 -8.36 6.03 -24.68
CA SER C 234 -9.25 6.98 -24.01
C SER C 234 -10.12 6.30 -22.94
N ALA C 235 -10.24 4.97 -23.00
CA ALA C 235 -10.99 4.17 -22.01
C ALA C 235 -10.40 4.21 -20.60
N SER C 236 -9.18 4.71 -20.45
CA SER C 236 -8.53 4.82 -19.13
C SER C 236 -8.18 6.25 -18.74
N ASP C 237 -8.86 7.23 -19.33
CA ASP C 237 -8.52 8.62 -19.12
C ASP C 237 -8.53 9.13 -17.67
N TYR C 238 -9.39 8.58 -16.81
CA TYR C 238 -9.41 9.00 -15.41
C TYR C 238 -8.56 8.10 -14.51
N ILE C 239 -7.76 7.22 -15.11
CA ILE C 239 -6.72 6.49 -14.38
C ILE C 239 -5.43 7.24 -14.59
N ASN C 240 -4.75 7.60 -13.50
CA ASN C 240 -3.49 8.34 -13.62
C ASN C 240 -2.61 8.13 -12.39
N GLY C 241 -1.34 7.84 -12.64
CA GLY C 241 -0.39 7.61 -11.59
C GLY C 241 -0.49 6.25 -10.94
N TYR C 242 -1.24 5.32 -11.54
CA TYR C 242 -1.55 4.07 -10.89
C TYR C 242 -0.85 2.86 -11.53
N THR C 243 -0.55 1.88 -10.69
CA THR C 243 0.06 0.63 -11.12
C THR C 243 -0.95 -0.51 -11.08
N ILE C 244 -1.10 -1.20 -12.21
CA ILE C 244 -2.08 -2.29 -12.35
C ILE C 244 -1.31 -3.60 -12.44
N ALA C 245 -1.56 -4.50 -11.48
CA ALA C 245 -0.94 -5.81 -11.47
C ALA C 245 -1.64 -6.72 -12.47
N VAL C 246 -0.87 -7.31 -13.36
CA VAL C 246 -1.34 -8.32 -14.32
C VAL C 246 -0.61 -9.60 -13.95
N ASP C 247 -1.11 -10.27 -12.92
CA ASP C 247 -0.31 -11.23 -12.16
C ASP C 247 -1.01 -12.55 -11.80
N GLY C 248 -2.17 -12.81 -12.40
CA GLY C 248 -2.97 -14.02 -12.07
C GLY C 248 -3.37 -14.17 -10.62
N GLY C 249 -3.35 -13.06 -9.87
CA GLY C 249 -3.67 -13.08 -8.44
C GLY C 249 -2.49 -13.23 -7.50
N TRP C 250 -1.25 -13.14 -8.01
CA TRP C 250 -0.06 -13.27 -7.16
C TRP C 250 -0.16 -12.45 -5.86
N LEU C 251 -0.46 -11.16 -6.00
CA LEU C 251 -0.48 -10.27 -4.84
C LEU C 251 -1.64 -10.52 -3.89
N ALA C 252 -2.64 -11.28 -4.34
CA ALA C 252 -3.81 -11.54 -3.52
C ALA C 252 -3.62 -12.66 -2.51
N ARG C 253 -2.73 -13.61 -2.80
CA ARG C 253 -2.70 -14.88 -2.06
C ARG C 253 -2.30 -14.71 -0.60
N MET D 1 -7.46 -10.88 -32.83
CA MET D 1 -7.14 -9.42 -32.78
C MET D 1 -7.60 -8.86 -31.44
N ILE D 2 -6.78 -7.99 -30.84
CA ILE D 2 -6.98 -7.62 -29.42
C ILE D 2 -8.27 -6.86 -29.14
N LEU D 3 -8.71 -6.00 -30.07
CA LEU D 3 -9.97 -5.25 -29.86
C LEU D 3 -11.17 -6.18 -29.65
N ASN D 4 -11.13 -7.41 -30.20
CA ASN D 4 -12.17 -8.41 -29.95
C ASN D 4 -12.23 -8.87 -28.48
N SER D 5 -11.15 -8.69 -27.73
CA SER D 5 -11.11 -9.10 -26.32
C SER D 5 -11.99 -8.24 -25.43
N PHE D 6 -12.31 -7.02 -25.85
CA PHE D 6 -13.14 -6.10 -25.08
C PHE D 6 -14.62 -6.27 -25.41
N ASP D 7 -14.91 -7.04 -26.44
CA ASP D 7 -16.28 -7.19 -26.95
C ASP D 7 -17.07 -8.15 -26.07
N LEU D 8 -18.15 -7.67 -25.47
CA LEU D 8 -18.99 -8.46 -24.56
C LEU D 8 -20.31 -8.93 -25.20
N GLN D 9 -20.32 -9.03 -26.53
CA GLN D 9 -21.50 -9.53 -27.25
C GLN D 9 -21.91 -10.89 -26.70
N GLY D 10 -23.19 -11.03 -26.38
CA GLY D 10 -23.73 -12.29 -25.86
C GLY D 10 -23.64 -12.47 -24.36
N LYS D 11 -22.97 -11.54 -23.66
CA LYS D 11 -22.81 -11.66 -22.21
C LYS D 11 -24.00 -11.06 -21.47
N VAL D 12 -24.24 -11.55 -20.26
CA VAL D 12 -25.23 -10.97 -19.36
C VAL D 12 -24.54 -10.40 -18.13
N ALA D 13 -24.81 -9.14 -17.81
CA ALA D 13 -24.20 -8.46 -16.68
C ALA D 13 -25.26 -8.03 -15.66
N LEU D 14 -25.10 -8.50 -14.42
CA LEU D 14 -25.96 -8.10 -13.32
C LEU D 14 -25.29 -6.96 -12.56
N ILE D 15 -25.91 -5.78 -12.56
CA ILE D 15 -25.39 -4.62 -11.84
C ILE D 15 -26.38 -4.19 -10.75
N THR D 16 -25.91 -4.08 -9.51
CA THR D 16 -26.75 -3.61 -8.40
C THR D 16 -26.61 -2.10 -8.22
N GLY D 17 -27.73 -1.43 -7.98
CA GLY D 17 -27.76 0.03 -7.85
C GLY D 17 -27.36 0.77 -9.11
N CYS D 18 -28.13 0.60 -10.19
CA CYS D 18 -27.80 1.23 -11.47
C CYS D 18 -28.89 2.18 -11.97
N ASP D 19 -29.68 2.71 -11.06
CA ASP D 19 -30.72 3.68 -11.43
C ASP D 19 -30.14 5.07 -11.70
N THR D 20 -28.96 5.34 -11.16
CA THR D 20 -28.36 6.67 -11.25
C THR D 20 -26.83 6.61 -11.07
N GLY D 21 -26.17 7.74 -11.30
CA GLY D 21 -24.75 7.91 -10.95
C GLY D 21 -23.80 6.89 -11.57
N LEU D 22 -22.91 6.34 -10.74
CA LEU D 22 -21.86 5.46 -11.22
C LEU D 22 -22.42 4.16 -11.78
N GLY D 23 -23.39 3.56 -11.10
CA GLY D 23 -23.94 2.28 -11.50
C GLY D 23 -24.63 2.35 -12.86
N GLN D 24 -25.34 3.46 -13.08
CA GLN D 24 -26.00 3.72 -14.35
C GLN D 24 -24.98 3.74 -15.47
N GLY D 25 -23.89 4.46 -15.24
CA GLY D 25 -22.78 4.54 -16.20
C GLY D 25 -22.18 3.19 -16.56
N MET D 26 -21.93 2.36 -15.55
CA MET D 26 -21.33 1.06 -15.80
C MET D 26 -22.29 0.15 -16.56
N ALA D 27 -23.56 0.16 -16.16
CA ALA D 27 -24.61 -0.61 -16.85
C ALA D 27 -24.70 -0.23 -18.31
N ILE D 28 -24.80 1.07 -18.59
CA ILE D 28 -24.84 1.57 -19.96
C ILE D 28 -23.57 1.24 -20.73
N GLY D 29 -22.41 1.41 -20.10
CA GLY D 29 -21.14 1.05 -20.74
C GLY D 29 -21.08 -0.43 -21.08
N LEU D 30 -21.53 -1.28 -20.16
CA LEU D 30 -21.51 -2.72 -20.40
C LEU D 30 -22.47 -3.10 -21.55
N ALA D 31 -23.57 -2.36 -21.64
CA ALA D 31 -24.55 -2.54 -22.71
C ALA D 31 -23.98 -2.14 -24.07
N GLN D 32 -23.28 -1.01 -24.13
CA GLN D 32 -22.60 -0.56 -25.36
C GLN D 32 -21.54 -1.55 -25.83
N ALA D 33 -20.96 -2.29 -24.89
CA ALA D 33 -19.96 -3.31 -25.19
C ALA D 33 -20.57 -4.66 -25.59
N GLY D 34 -21.90 -4.76 -25.48
CA GLY D 34 -22.65 -5.92 -25.98
C GLY D 34 -23.51 -6.67 -24.96
N CYS D 35 -23.53 -6.21 -23.71
CA CYS D 35 -24.22 -6.93 -22.63
C CYS D 35 -25.71 -6.68 -22.56
N ASP D 36 -26.44 -7.71 -22.18
CA ASP D 36 -27.80 -7.53 -21.66
C ASP D 36 -27.67 -7.37 -20.16
N ILE D 37 -28.47 -6.45 -19.62
CA ILE D 37 -28.35 -6.04 -18.22
C ILE D 37 -29.44 -6.65 -17.36
N VAL D 38 -29.06 -7.07 -16.16
CA VAL D 38 -30.00 -7.30 -15.06
C VAL D 38 -29.74 -6.24 -13.98
N GLY D 39 -30.73 -5.40 -13.73
CA GLY D 39 -30.65 -4.40 -12.67
C GLY D 39 -31.28 -4.91 -11.38
N VAL D 40 -30.70 -4.53 -10.25
CA VAL D 40 -31.31 -4.75 -8.93
C VAL D 40 -31.27 -3.42 -8.19
N ASN D 41 -32.45 -2.88 -7.87
CA ASN D 41 -32.56 -1.51 -7.35
C ASN D 41 -33.65 -1.33 -6.29
N ILE D 42 -33.60 -0.18 -5.61
CA ILE D 42 -34.64 0.24 -4.67
C ILE D 42 -35.70 1.09 -5.38
N VAL D 43 -35.29 1.79 -6.43
CA VAL D 43 -36.22 2.58 -7.24
C VAL D 43 -36.09 2.17 -8.70
N GLU D 44 -37.15 2.35 -9.47
CA GLU D 44 -37.16 1.93 -10.87
C GLU D 44 -36.10 2.69 -11.67
N PRO D 45 -35.20 1.97 -12.34
CA PRO D 45 -34.16 2.61 -13.14
C PRO D 45 -34.70 2.96 -14.53
N LYS D 46 -35.63 3.92 -14.59
CA LYS D 46 -36.34 4.23 -15.83
C LYS D 46 -35.41 4.72 -16.93
N ASP D 47 -34.62 5.75 -16.62
CA ASP D 47 -33.64 6.29 -17.56
C ASP D 47 -32.67 5.23 -18.07
N THR D 48 -32.15 4.41 -17.15
CA THR D 48 -31.18 3.38 -17.53
C THR D 48 -31.83 2.37 -18.48
N ILE D 49 -33.02 1.90 -18.14
CA ILE D 49 -33.79 0.98 -18.99
C ILE D 49 -33.94 1.53 -20.42
N GLU D 50 -34.32 2.80 -20.54
CA GLU D 50 -34.52 3.42 -21.85
C GLU D 50 -33.22 3.48 -22.64
N LYS D 51 -32.11 3.80 -21.96
CA LYS D 51 -30.81 3.89 -22.62
C LYS D 51 -30.25 2.52 -23.02
N VAL D 52 -30.51 1.50 -22.19
CA VAL D 52 -30.03 0.14 -22.49
C VAL D 52 -30.81 -0.48 -23.66
N THR D 53 -32.12 -0.32 -23.64
CA THR D 53 -32.99 -0.78 -24.73
C THR D 53 -32.79 0.03 -26.02
N ALA D 54 -32.51 1.32 -25.90
CA ALA D 54 -32.19 2.15 -27.06
C ALA D 54 -31.00 1.60 -27.87
N LEU D 55 -30.10 0.88 -27.20
CA LEU D 55 -28.96 0.25 -27.84
C LEU D 55 -29.29 -1.14 -28.40
N GLY D 56 -30.55 -1.56 -28.27
CA GLY D 56 -30.99 -2.86 -28.77
C GLY D 56 -30.62 -4.00 -27.85
N ARG D 57 -30.39 -3.67 -26.58
CA ARG D 57 -30.02 -4.65 -25.57
C ARG D 57 -31.21 -4.82 -24.63
N ARG D 58 -31.28 -5.98 -23.99
CA ARG D 58 -32.36 -6.27 -23.05
C ARG D 58 -32.00 -5.79 -21.64
N PHE D 59 -33.03 -5.47 -20.86
CA PHE D 59 -32.85 -5.05 -19.48
C PHE D 59 -33.91 -5.69 -18.59
N LEU D 60 -33.49 -6.54 -17.65
CA LEU D 60 -34.39 -7.09 -16.64
C LEU D 60 -34.29 -6.24 -15.37
N SER D 61 -35.38 -5.59 -15.00
CA SER D 61 -35.40 -4.73 -13.81
C SER D 61 -35.96 -5.48 -12.61
N LEU D 62 -35.08 -5.91 -11.72
CA LEU D 62 -35.49 -6.54 -10.46
C LEU D 62 -35.44 -5.52 -9.33
N THR D 63 -36.38 -5.64 -8.40
CA THR D 63 -36.51 -4.69 -7.28
C THR D 63 -36.34 -5.43 -5.97
N ALA D 64 -35.37 -4.98 -5.16
CA ALA D 64 -35.09 -5.62 -3.86
C ALA D 64 -34.12 -4.79 -3.00
N ASP D 65 -34.24 -4.93 -1.68
CA ASP D 65 -33.25 -4.41 -0.74
C ASP D 65 -32.07 -5.39 -0.73
N MET D 66 -30.92 -4.94 -1.26
CA MET D 66 -29.76 -5.81 -1.43
C MET D 66 -29.21 -6.31 -0.09
N SER D 67 -29.49 -5.57 0.99
CA SER D 67 -29.09 -5.97 2.34
C SER D 67 -29.75 -7.25 2.84
N ASN D 68 -30.89 -7.63 2.26
CA ASN D 68 -31.52 -8.93 2.56
C ASN D 68 -30.81 -10.05 1.82
N VAL D 69 -29.89 -10.73 2.52
CA VAL D 69 -29.05 -11.77 1.92
C VAL D 69 -29.81 -13.05 1.57
N SER D 70 -30.86 -13.37 2.32
CA SER D 70 -31.70 -14.54 2.03
C SER D 70 -32.40 -14.41 0.66
N GLY D 71 -32.59 -13.18 0.20
CA GLY D 71 -33.24 -12.91 -1.08
C GLY D 71 -32.32 -12.87 -2.29
N HIS D 72 -31.03 -13.13 -2.10
CA HIS D 72 -30.09 -13.08 -3.23
C HIS D 72 -30.31 -14.25 -4.19
N ALA D 73 -30.50 -15.45 -3.64
CA ALA D 73 -30.65 -16.66 -4.45
C ALA D 73 -31.74 -16.48 -5.51
N GLU D 74 -32.87 -15.92 -5.10
CA GLU D 74 -34.01 -15.69 -5.98
C GLU D 74 -33.68 -14.73 -7.14
N LEU D 75 -33.00 -13.64 -6.83
CA LEU D 75 -32.61 -12.65 -7.84
C LEU D 75 -31.79 -13.29 -8.95
N VAL D 76 -30.91 -14.22 -8.58
CA VAL D 76 -30.05 -14.89 -9.54
C VAL D 76 -30.84 -15.95 -10.32
N GLU D 77 -31.81 -16.58 -9.67
CA GLU D 77 -32.72 -17.52 -10.33
C GLU D 77 -33.54 -16.79 -11.40
N LYS D 78 -34.12 -15.64 -11.01
CA LYS D 78 -34.88 -14.80 -11.94
C LYS D 78 -34.05 -14.40 -13.15
N ALA D 79 -32.75 -14.15 -12.94
CA ALA D 79 -31.87 -13.76 -14.04
C ALA D 79 -31.60 -14.93 -14.99
N VAL D 80 -31.40 -16.13 -14.43
CA VAL D 80 -31.03 -17.32 -15.22
C VAL D 80 -32.21 -17.80 -16.08
N ALA D 81 -33.42 -17.72 -15.54
CA ALA D 81 -34.62 -17.71 -16.37
C ALA D 81 -34.60 -16.37 -17.10
N GLU D 82 -35.20 -16.30 -18.28
CA GLU D 82 -35.21 -15.07 -19.10
C GLU D 82 -33.93 -14.87 -19.93
N PHE D 83 -32.75 -14.90 -19.30
CA PHE D 83 -31.50 -14.73 -20.04
C PHE D 83 -30.69 -16.02 -20.24
N GLY D 84 -30.90 -17.03 -19.41
CA GLY D 84 -30.22 -18.32 -19.58
C GLY D 84 -28.87 -18.45 -18.90
N HIS D 85 -28.26 -17.32 -18.54
CA HIS D 85 -26.95 -17.33 -17.88
C HIS D 85 -26.65 -15.95 -17.28
N VAL D 86 -25.65 -15.93 -16.40
CA VAL D 86 -25.11 -14.67 -15.86
C VAL D 86 -23.59 -14.77 -15.90
N ASP D 87 -22.95 -13.83 -16.59
CA ASP D 87 -21.51 -13.88 -16.85
C ASP D 87 -20.71 -12.86 -16.05
N ILE D 88 -21.35 -11.76 -15.65
CA ILE D 88 -20.69 -10.61 -15.01
C ILE D 88 -21.54 -10.07 -13.86
N LEU D 89 -20.90 -9.70 -12.75
CA LEU D 89 -21.57 -9.10 -11.59
C LEU D 89 -20.86 -7.81 -11.19
N VAL D 90 -21.62 -6.73 -10.99
CA VAL D 90 -21.08 -5.47 -10.45
C VAL D 90 -21.75 -5.13 -9.12
N ASN D 91 -20.98 -5.20 -8.04
CA ASN D 91 -21.51 -4.96 -6.70
C ASN D 91 -21.44 -3.47 -6.32
N ASN D 92 -22.31 -2.66 -6.93
CA ASN D 92 -22.23 -1.20 -6.81
C ASN D 92 -23.18 -0.58 -5.78
N ALA D 93 -24.28 -1.26 -5.50
CA ALA D 93 -25.23 -0.77 -4.51
C ALA D 93 -24.53 -0.53 -3.17
N GLY D 94 -24.62 0.70 -2.67
CA GLY D 94 -24.02 1.07 -1.39
C GLY D 94 -24.56 2.38 -0.83
N ILE D 95 -24.25 2.64 0.44
CA ILE D 95 -24.64 3.87 1.10
C ILE D 95 -23.50 4.42 1.96
N ILE D 96 -23.70 5.63 2.46
CA ILE D 96 -22.77 6.27 3.38
C ILE D 96 -23.55 7.00 4.47
N ARG D 97 -22.99 7.04 5.69
CA ARG D 97 -23.55 7.82 6.78
C ARG D 97 -22.46 8.65 7.43
N ARG D 98 -22.72 9.95 7.52
CA ARG D 98 -21.75 10.88 8.07
C ARG D 98 -22.16 11.32 9.47
N GLU D 99 -21.28 11.09 10.44
CA GLU D 99 -21.51 11.42 11.84
C GLU D 99 -20.15 11.32 12.53
N ASP D 100 -19.86 12.28 13.43
CA ASP D 100 -18.61 12.28 14.19
C ASP D 100 -18.36 10.90 14.79
N ALA D 101 -17.14 10.40 14.62
CA ALA D 101 -16.81 9.06 15.08
C ALA D 101 -17.15 8.87 16.55
N ILE D 102 -16.94 9.90 17.35
CA ILE D 102 -17.11 9.80 18.80
C ILE D 102 -18.59 9.66 19.16
N GLU D 103 -19.47 10.14 18.29
CA GLU D 103 -20.93 10.03 18.48
C GLU D 103 -21.57 8.92 17.66
N PHE D 104 -20.83 8.33 16.71
CA PHE D 104 -21.38 7.38 15.72
C PHE D 104 -22.34 6.34 16.30
N SER D 105 -23.52 6.24 15.70
CA SER D 105 -24.55 5.31 16.18
C SER D 105 -24.39 3.90 15.64
N GLU D 106 -24.98 2.94 16.35
CA GLU D 106 -24.99 1.56 15.92
C GLU D 106 -25.76 1.39 14.62
N LYS D 107 -26.82 2.18 14.46
CA LYS D 107 -27.61 2.16 13.23
C LYS D 107 -26.78 2.57 12.02
N ASN D 108 -26.02 3.66 12.16
CA ASN D 108 -25.17 4.16 11.07
C ASN D 108 -24.02 3.19 10.76
N TRP D 109 -23.69 2.33 11.72
CA TRP D 109 -22.73 1.24 11.48
C TRP D 109 -23.36 0.10 10.70
N ASP D 110 -24.40 -0.50 11.29
CA ASP D 110 -25.04 -1.69 10.72
C ASP D 110 -25.57 -1.49 9.32
N ASP D 111 -26.27 -0.38 9.09
CA ASP D 111 -26.88 -0.10 7.80
C ASP D 111 -25.83 -0.07 6.70
N VAL D 112 -24.70 0.60 6.98
CA VAL D 112 -23.64 0.70 5.98
C VAL D 112 -22.93 -0.64 5.79
N MET D 113 -22.59 -1.32 6.89
CA MET D 113 -21.88 -2.58 6.78
C MET D 113 -22.74 -3.67 6.12
N ASN D 114 -24.03 -3.71 6.48
CA ASN D 114 -24.94 -4.69 5.87
C ASN D 114 -24.96 -4.64 4.35
N LEU D 115 -25.01 -3.43 3.79
CA LEU D 115 -25.03 -3.25 2.35
C LEU D 115 -23.63 -3.26 1.73
N ASN D 116 -22.74 -2.42 2.25
CA ASN D 116 -21.45 -2.16 1.59
C ASN D 116 -20.46 -3.32 1.62
N ILE D 117 -20.54 -4.19 2.61
CA ILE D 117 -19.64 -5.35 2.64
C ILE D 117 -20.35 -6.69 2.80
N LYS D 118 -21.25 -6.83 3.78
CA LYS D 118 -21.93 -8.11 3.97
C LYS D 118 -22.69 -8.54 2.73
N SER D 119 -23.56 -7.67 2.22
CA SER D 119 -24.35 -8.02 1.05
C SER D 119 -23.44 -8.26 -0.15
N VAL D 120 -22.32 -7.55 -0.21
CA VAL D 120 -21.37 -7.72 -1.31
C VAL D 120 -20.76 -9.11 -1.31
N PHE D 121 -20.38 -9.62 -0.14
CA PHE D 121 -19.77 -10.94 -0.12
C PHE D 121 -20.80 -12.01 -0.52
N PHE D 122 -22.00 -11.89 0.04
CA PHE D 122 -23.03 -12.92 -0.13
C PHE D 122 -23.61 -12.94 -1.54
N MET D 123 -23.72 -11.78 -2.17
CA MET D 123 -24.13 -11.73 -3.57
C MET D 123 -23.06 -12.31 -4.49
N SER D 124 -21.80 -12.00 -4.19
CA SER D 124 -20.70 -12.58 -4.94
C SER D 124 -20.72 -14.10 -4.85
N GLN D 125 -21.03 -14.61 -3.66
CA GLN D 125 -21.11 -16.05 -3.40
C GLN D 125 -22.23 -16.69 -4.22
N THR D 126 -23.38 -16.03 -4.20
CA THR D 126 -24.58 -16.50 -4.89
C THR D 126 -24.33 -16.58 -6.39
N VAL D 127 -23.75 -15.52 -6.94
CA VAL D 127 -23.42 -15.49 -8.36
C VAL D 127 -22.28 -16.45 -8.70
N ALA D 128 -21.33 -16.59 -7.78
CA ALA D 128 -20.22 -17.54 -7.94
C ALA D 128 -20.72 -18.98 -8.10
N ARG D 129 -21.70 -19.37 -7.29
CA ARG D 129 -22.33 -20.69 -7.45
C ARG D 129 -22.88 -20.85 -8.86
N GLN D 130 -23.61 -19.83 -9.31
CA GLN D 130 -24.19 -19.86 -10.64
C GLN D 130 -23.10 -19.98 -11.70
N PHE D 131 -22.01 -19.23 -11.56
CA PHE D 131 -20.86 -19.37 -12.44
C PHE D 131 -20.36 -20.80 -12.51
N ILE D 132 -20.23 -21.43 -11.33
CA ILE D 132 -19.68 -22.78 -11.22
C ILE D 132 -20.59 -23.79 -11.92
N LYS D 133 -21.89 -23.65 -11.68
CA LYS D 133 -22.90 -24.48 -12.34
C LYS D 133 -22.81 -24.35 -13.86
N GLN D 134 -22.73 -23.12 -14.35
CA GLN D 134 -22.61 -22.85 -15.80
C GLN D 134 -21.33 -23.39 -16.41
N GLY D 135 -20.24 -23.38 -15.64
CA GLY D 135 -18.98 -24.01 -16.04
C GLY D 135 -18.12 -23.28 -17.06
N LYS D 136 -18.38 -21.99 -17.27
CA LYS D 136 -17.58 -21.19 -18.21
C LYS D 136 -16.98 -19.95 -17.55
N GLY D 137 -16.70 -20.05 -16.26
CA GLY D 137 -16.06 -18.96 -15.53
C GLY D 137 -16.99 -17.79 -15.31
N GLY D 138 -16.41 -16.61 -15.09
CA GLY D 138 -17.20 -15.41 -14.82
C GLY D 138 -16.36 -14.25 -14.32
N LYS D 139 -17.03 -13.11 -14.17
CA LYS D 139 -16.38 -11.87 -13.75
C LYS D 139 -17.17 -11.22 -12.60
N ILE D 140 -16.47 -10.81 -11.54
CA ILE D 140 -17.06 -9.98 -10.50
C ILE D 140 -16.24 -8.69 -10.38
N ILE D 141 -16.94 -7.57 -10.33
CA ILE D 141 -16.32 -6.26 -10.13
C ILE D 141 -16.93 -5.63 -8.89
N ASN D 142 -16.14 -5.50 -7.82
CA ASN D 142 -16.61 -4.79 -6.64
C ASN D 142 -16.23 -3.32 -6.73
N ILE D 143 -16.86 -2.50 -5.91
CA ILE D 143 -16.59 -1.09 -5.93
C ILE D 143 -15.94 -0.70 -4.60
N ALA D 144 -14.64 -0.40 -4.67
CA ALA D 144 -13.89 0.07 -3.52
C ALA D 144 -14.02 1.59 -3.43
N SER D 145 -13.01 2.28 -2.89
CA SER D 145 -13.08 3.70 -2.62
C SER D 145 -11.68 4.22 -2.35
N MET D 146 -11.52 5.54 -2.37
CA MET D 146 -10.31 6.17 -1.82
C MET D 146 -10.19 5.81 -0.34
N LEU D 147 -11.35 5.61 0.30
CA LEU D 147 -11.39 5.25 1.72
C LEU D 147 -11.15 3.77 1.98
N SER D 148 -10.76 3.02 0.93
CA SER D 148 -10.12 1.72 1.08
C SER D 148 -8.63 1.88 1.38
N PHE D 149 -8.09 3.04 1.01
CA PHE D 149 -6.65 3.37 1.13
C PHE D 149 -6.33 4.39 2.22
N GLN D 150 -7.23 5.35 2.40
CA GLN D 150 -7.10 6.45 3.35
C GLN D 150 -8.28 6.33 4.33
N GLY D 151 -8.18 7.04 5.45
CA GLY D 151 -9.20 6.93 6.50
C GLY D 151 -10.44 7.78 6.31
N GLY D 152 -10.23 9.03 5.88
CA GLY D 152 -11.31 10.02 5.86
C GLY D 152 -11.78 10.34 7.26
N ILE D 153 -12.91 11.02 7.35
CA ILE D 153 -13.48 11.40 8.63
C ILE D 153 -14.98 11.26 8.61
N ARG D 154 -15.55 11.03 9.79
CA ARG D 154 -17.00 10.99 10.01
C ARG D 154 -17.77 9.87 9.31
N VAL D 155 -17.06 8.88 8.75
CA VAL D 155 -17.69 7.75 8.06
C VAL D 155 -17.06 6.42 8.44
N PRO D 156 -16.95 6.14 9.77
CA PRO D 156 -16.24 4.91 10.13
C PRO D 156 -16.74 3.65 9.48
N SER D 157 -18.05 3.48 9.36
CA SER D 157 -18.58 2.27 8.74
C SER D 157 -18.33 2.19 7.22
N TYR D 158 -18.24 3.35 6.57
CA TYR D 158 -17.92 3.42 5.15
C TYR D 158 -16.46 3.02 4.93
N THR D 159 -15.56 3.64 5.68
CA THR D 159 -14.14 3.29 5.61
C THR D 159 -13.94 1.81 5.93
N ALA D 160 -14.60 1.34 6.98
CA ALA D 160 -14.50 -0.08 7.32
C ALA D 160 -14.98 -0.97 6.17
N SER D 161 -16.17 -0.67 5.64
CA SER D 161 -16.75 -1.51 4.60
C SER D 161 -15.93 -1.51 3.31
N LYS D 162 -15.47 -0.34 2.91
CA LYS D 162 -14.72 -0.19 1.66
C LYS D 162 -13.29 -0.77 1.76
N SER D 163 -12.70 -0.69 2.95
CA SER D 163 -11.43 -1.37 3.22
C SER D 163 -11.65 -2.90 3.17
N ALA D 164 -12.72 -3.35 3.81
CA ALA D 164 -13.09 -4.77 3.73
C ALA D 164 -13.35 -5.25 2.29
N VAL D 165 -13.95 -4.40 1.45
CA VAL D 165 -14.14 -4.77 0.05
C VAL D 165 -12.81 -5.06 -0.67
N MET D 166 -11.80 -4.22 -0.43
CA MET D 166 -10.52 -4.45 -1.07
C MET D 166 -9.94 -5.80 -0.63
N GLY D 167 -10.09 -6.13 0.64
CA GLY D 167 -9.57 -7.38 1.18
C GLY D 167 -10.32 -8.63 0.74
N VAL D 168 -11.65 -8.61 0.81
CA VAL D 168 -12.44 -9.79 0.37
C VAL D 168 -12.26 -10.00 -1.13
N THR D 169 -12.10 -8.91 -1.88
CA THR D 169 -11.76 -9.05 -3.30
C THR D 169 -10.53 -9.93 -3.52
N ARG D 170 -9.50 -9.75 -2.69
CA ARG D 170 -8.32 -10.62 -2.75
C ARG D 170 -8.65 -12.07 -2.43
N LEU D 171 -9.39 -12.31 -1.34
CA LEU D 171 -9.74 -13.69 -0.94
C LEU D 171 -10.56 -14.39 -2.02
N MET D 172 -11.58 -13.70 -2.54
CA MET D 172 -12.47 -14.33 -3.53
C MET D 172 -11.70 -14.72 -4.79
N ALA D 173 -10.77 -13.87 -5.23
CA ALA D 173 -9.89 -14.22 -6.36
C ALA D 173 -9.00 -15.43 -6.04
N ASN D 174 -8.46 -15.47 -4.83
CA ASN D 174 -7.57 -16.57 -4.45
C ASN D 174 -8.28 -17.90 -4.50
N GLU D 175 -9.49 -17.92 -3.95
CA GLU D 175 -10.23 -19.17 -3.74
C GLU D 175 -10.97 -19.63 -4.98
N TRP D 176 -11.46 -18.68 -5.80
CA TRP D 176 -12.33 -19.00 -6.94
C TRP D 176 -11.67 -18.83 -8.31
N ALA D 177 -10.38 -18.51 -8.34
CA ALA D 177 -9.65 -18.49 -9.60
C ALA D 177 -9.71 -19.86 -10.29
N LYS D 178 -9.68 -20.92 -9.49
CA LYS D 178 -9.76 -22.31 -9.99
C LYS D 178 -11.06 -22.58 -10.76
N HIS D 179 -12.12 -21.85 -10.42
CA HIS D 179 -13.39 -21.94 -11.15
C HIS D 179 -13.44 -21.03 -12.38
N GLY D 180 -12.31 -20.42 -12.73
CA GLY D 180 -12.24 -19.50 -13.87
C GLY D 180 -12.93 -18.16 -13.60
N ILE D 181 -12.97 -17.77 -12.34
CA ILE D 181 -13.64 -16.54 -11.93
C ILE D 181 -12.59 -15.47 -11.62
N ASN D 182 -12.73 -14.30 -12.25
CA ASN D 182 -11.94 -13.11 -11.91
C ASN D 182 -12.74 -12.19 -11.00
N VAL D 183 -12.19 -11.88 -9.83
CA VAL D 183 -12.80 -10.94 -8.90
C VAL D 183 -11.83 -9.76 -8.71
N ASN D 184 -12.20 -8.61 -9.25
CA ASN D 184 -11.42 -7.37 -9.12
C ASN D 184 -12.29 -6.25 -8.58
N ALA D 185 -11.69 -5.09 -8.33
CA ALA D 185 -12.46 -3.94 -7.83
C ALA D 185 -12.03 -2.67 -8.51
N ILE D 186 -12.98 -1.75 -8.67
CA ILE D 186 -12.71 -0.37 -9.06
C ILE D 186 -12.86 0.52 -7.83
N ALA D 187 -11.83 1.34 -7.57
CA ALA D 187 -11.88 2.35 -6.54
C ALA D 187 -12.06 3.73 -7.19
N PRO D 188 -13.30 4.23 -7.26
CA PRO D 188 -13.52 5.57 -7.81
C PRO D 188 -12.88 6.62 -6.93
N GLY D 189 -12.45 7.72 -7.54
CA GLY D 189 -11.95 8.90 -6.81
C GLY D 189 -13.13 9.72 -6.34
N TYR D 190 -13.01 11.04 -6.39
CA TYR D 190 -14.12 11.92 -6.03
C TYR D 190 -14.96 12.15 -7.27
N MET D 191 -16.10 11.47 -7.31
CA MET D 191 -17.01 11.49 -8.47
C MET D 191 -18.24 12.35 -8.21
N ALA D 192 -18.71 13.02 -9.25
CA ALA D 192 -19.90 13.88 -9.16
C ALA D 192 -21.17 13.02 -9.20
N THR D 193 -21.67 12.66 -8.03
CA THR D 193 -22.88 11.84 -7.91
C THR D 193 -23.66 12.29 -6.67
N ASN D 194 -24.81 11.66 -6.42
CA ASN D 194 -25.60 11.96 -5.23
C ASN D 194 -24.80 11.72 -3.94
N ASN D 195 -23.88 10.74 -3.99
CA ASN D 195 -23.02 10.43 -2.85
C ASN D 195 -22.18 11.62 -2.35
N THR D 196 -21.83 12.53 -3.25
CA THR D 196 -20.95 13.67 -2.93
C THR D 196 -21.63 15.03 -3.05
N GLN D 197 -22.94 15.08 -2.83
CA GLN D 197 -23.66 16.35 -2.86
C GLN D 197 -23.71 16.96 -1.46
N GLU D 204 -16.42 25.78 -0.61
CA GLU D 204 -14.97 25.99 -0.58
C GLU D 204 -14.22 24.73 -0.14
N ARG D 205 -14.90 23.89 0.66
CA ARG D 205 -14.41 22.54 0.96
C ARG D 205 -14.21 21.75 -0.35
N SER D 206 -15.11 22.00 -1.30
CA SER D 206 -15.04 21.41 -2.64
C SER D 206 -13.78 21.80 -3.41
N LYS D 207 -13.35 23.05 -3.25
CA LYS D 207 -12.20 23.59 -3.99
C LYS D 207 -10.85 23.05 -3.48
N GLU D 208 -10.77 22.79 -2.18
CA GLU D 208 -9.55 22.25 -1.59
C GLU D 208 -9.29 20.83 -2.10
N ILE D 209 -10.36 20.05 -2.22
CA ILE D 209 -10.31 18.68 -2.75
C ILE D 209 -9.98 18.71 -4.24
N LEU D 210 -10.70 19.55 -4.97
CA LEU D 210 -10.50 19.67 -6.40
C LEU D 210 -9.04 20.03 -6.76
N ASP D 211 -8.41 20.92 -6.00
CA ASP D 211 -7.00 21.25 -6.24
C ASP D 211 -6.02 20.10 -5.93
N ARG D 212 -6.50 19.07 -5.23
CA ARG D 212 -5.72 17.87 -4.95
C ARG D 212 -6.08 16.68 -5.86
N ILE D 213 -6.93 16.93 -6.86
CA ILE D 213 -7.15 15.98 -7.93
C ILE D 213 -6.31 16.44 -9.12
N PRO D 214 -5.24 15.68 -9.46
CA PRO D 214 -4.40 16.11 -10.58
C PRO D 214 -5.18 16.36 -11.88
N ALA D 215 -6.21 15.56 -12.14
CA ALA D 215 -7.09 15.75 -13.33
C ALA D 215 -7.77 17.11 -13.36
N GLY D 216 -7.94 17.71 -12.19
CA GLY D 216 -8.52 19.04 -12.09
C GLY D 216 -10.02 19.07 -12.27
N ARG D 217 -10.67 17.90 -12.30
CA ARG D 217 -12.13 17.79 -12.40
C ARG D 217 -12.66 16.62 -11.59
N TRP D 218 -13.92 16.70 -11.19
CA TRP D 218 -14.61 15.57 -10.57
C TRP D 218 -14.72 14.43 -11.55
N GLY D 219 -14.73 13.21 -11.04
CA GLY D 219 -14.99 12.05 -11.89
C GLY D 219 -16.45 12.04 -12.33
N LEU D 220 -16.73 11.34 -13.43
CA LEU D 220 -18.09 11.20 -13.94
C LEU D 220 -18.39 9.72 -14.12
N PRO D 221 -19.68 9.34 -14.14
CA PRO D 221 -20.08 7.99 -14.47
C PRO D 221 -19.39 7.48 -15.75
N GLN D 222 -19.24 8.37 -16.74
CA GLN D 222 -18.57 8.03 -17.99
C GLN D 222 -17.13 7.53 -17.80
N ASP D 223 -16.47 7.99 -16.74
CA ASP D 223 -15.08 7.58 -16.44
C ASP D 223 -14.96 6.12 -16.00
N LEU D 224 -16.07 5.50 -15.62
CA LEU D 224 -16.08 4.11 -15.19
C LEU D 224 -16.52 3.14 -16.28
N MET D 225 -16.95 3.66 -17.42
CA MET D 225 -17.40 2.79 -18.50
C MET D 225 -16.29 1.94 -19.07
N GLY D 226 -15.18 2.60 -19.44
CA GLY D 226 -14.01 1.89 -19.97
C GLY D 226 -13.45 0.86 -19.00
N PRO D 227 -13.13 1.30 -17.77
CA PRO D 227 -12.60 0.37 -16.76
C PRO D 227 -13.52 -0.81 -16.44
N SER D 228 -14.82 -0.58 -16.36
CA SER D 228 -15.75 -1.66 -16.04
C SER D 228 -15.87 -2.69 -17.18
N VAL D 229 -15.96 -2.20 -18.42
CA VAL D 229 -15.92 -3.09 -19.60
C VAL D 229 -14.61 -3.89 -19.65
N PHE D 230 -13.49 -3.22 -19.36
CA PHE D 230 -12.18 -3.86 -19.31
C PHE D 230 -12.15 -5.03 -18.32
N LEU D 231 -12.60 -4.77 -17.09
CA LEU D 231 -12.59 -5.76 -16.02
C LEU D 231 -13.67 -6.83 -16.21
N ALA D 232 -14.67 -6.55 -17.05
CA ALA D 232 -15.72 -7.51 -17.37
C ALA D 232 -15.38 -8.41 -18.56
N SER D 233 -14.23 -8.16 -19.19
CA SER D 233 -13.90 -8.77 -20.48
C SER D 233 -12.63 -9.62 -20.43
N SER D 234 -12.39 -10.34 -21.52
CA SER D 234 -11.21 -11.19 -21.68
C SER D 234 -9.91 -10.40 -21.73
N ALA D 235 -10.00 -9.10 -21.99
CA ALA D 235 -8.82 -8.25 -22.07
C ALA D 235 -8.09 -8.14 -20.72
N SER D 236 -8.74 -8.55 -19.64
CA SER D 236 -8.18 -8.47 -18.29
C SER D 236 -8.08 -9.84 -17.61
N ASP D 237 -7.94 -10.91 -18.39
CA ASP D 237 -8.05 -12.26 -17.83
C ASP D 237 -6.99 -12.59 -16.77
N TYR D 238 -5.80 -12.01 -16.90
CA TYR D 238 -4.71 -12.28 -15.95
C TYR D 238 -4.61 -11.21 -14.86
N ILE D 239 -5.66 -10.41 -14.72
CA ILE D 239 -5.83 -9.49 -13.60
C ILE D 239 -6.83 -10.13 -12.65
N ASN D 240 -6.41 -10.40 -11.41
CA ASN D 240 -7.31 -11.02 -10.44
C ASN D 240 -7.02 -10.60 -9.00
N GLY D 241 -8.08 -10.30 -8.24
CA GLY D 241 -7.94 -9.94 -6.84
C GLY D 241 -7.42 -8.53 -6.65
N TYR D 242 -7.42 -7.74 -7.72
CA TYR D 242 -6.77 -6.43 -7.71
C TYR D 242 -7.76 -5.27 -7.75
N THR D 243 -7.41 -4.17 -7.09
CA THR D 243 -8.19 -2.95 -7.08
C THR D 243 -7.54 -1.88 -7.93
N ILE D 244 -8.29 -1.36 -8.91
CA ILE D 244 -7.78 -0.33 -9.81
C ILE D 244 -8.44 1.00 -9.46
N ALA D 245 -7.63 1.99 -9.11
CA ALA D 245 -8.12 3.32 -8.82
C ALA D 245 -8.47 4.04 -10.12
N VAL D 246 -9.69 4.58 -10.17
CA VAL D 246 -10.11 5.45 -11.27
C VAL D 246 -10.41 6.79 -10.61
N ASP D 247 -9.35 7.57 -10.40
CA ASP D 247 -9.38 8.67 -9.43
C ASP D 247 -8.75 9.98 -9.88
N GLY D 248 -8.49 10.13 -11.19
CA GLY D 248 -7.88 11.35 -11.70
C GLY D 248 -6.54 11.70 -11.09
N GLY D 249 -5.85 10.70 -10.50
CA GLY D 249 -4.58 10.89 -9.84
C GLY D 249 -4.64 11.16 -8.34
N TRP D 250 -5.80 11.02 -7.72
CA TRP D 250 -5.93 11.34 -6.29
C TRP D 250 -4.86 10.65 -5.42
N LEU D 251 -4.73 9.34 -5.55
CA LEU D 251 -3.77 8.60 -4.70
C LEU D 251 -2.34 8.94 -5.03
N ALA D 252 -2.10 9.53 -6.20
CA ALA D 252 -0.76 9.83 -6.63
C ALA D 252 -0.20 11.07 -5.94
N ARG D 253 -1.05 12.00 -5.51
CA ARG D 253 -0.61 13.35 -5.19
C ARG D 253 0.20 13.40 -3.90
#